data_6QZZ
#
_entry.id   6QZZ
#
_cell.length_a   164.002
_cell.length_b   91.723
_cell.length_c   85.222
_cell.angle_alpha   90.00
_cell.angle_beta   90.00
_cell.angle_gamma   90.00
#
_symmetry.space_group_name_H-M   'P 21 21 2'
#
loop_
_entity.id
_entity.type
_entity.pdbx_description
1 polymer 'Peptide N-methyltransferase'
2 polymer 'Peptide N-methyltransferase'
3 non-polymer S-ADENOSYL-L-HOMOCYSTEINE
4 water water
#
loop_
_entity_poly.entity_id
_entity_poly.type
_entity_poly.pdbx_seq_one_letter_code
_entity_poly.pdbx_strand_id
1 'polypeptide(L)'
;GTSTQTKAGSLTIVGTGIESIGQMTLQALSYIEAAAKVFYCVIDPATEAFILTKNKNCVDLYQYYDNGKSRLNTYTQMSE
LMVREVRKGLDVVGVFYGHPGVFVNPSHRALAIAKSEGYRARMLPGVSAEDCLFADLCIDPSNPGCLTYEASDFLIRDRP
VSIHSHLVLFQVGCVGIADFNFTGFDNNKFGVLVDRLEQEYGAEHPVVHYIAAMMPHQDPVTDKYTVAQLREPEIAKRVG
GVSTFYIPPKARKASNLDIIRRLELLPAGQVPDKKARIYPANQWEPDVPEVEPYRPSDQAAIAQLADHAPPEQYQPLATS
KAMSDVMTKLALDPKALADYKADHRAFAQSVPDLTPQERAALELGDSWAIRCAMKNMPSSLLDAARESGEEASQNGFPW
(MVA)IVEGVIGVIGSVMSTE
;
A
2 'polypeptide(L)'
;GTSTQTKAGSLTIVGTGIESIGQMTLQALSYIEAAAKVFYCVIDPATEAFILTKNKNCVDLYQYYDNGKSRLNTYTQMSE
LMVREVRKGLDVVGVFYGHPGVFVNPSHRALAIAKSEGYRARMLPGVSAEDCLFADLCIDPSNPGCLTYEASDFLIRDRP
VSIHSHLVLFQVGCVGIADFNFTGFDNNKFGVLVDRLEQEYGAEHPVVHYIAAMMPHQDPVTDKYTVAQLREPEIAKRVG
GVSTFYIPPKARKASNLDIIRRLELLPAGQVPDKKARIYPANQWEPDVPEVEPYRPSDQAAIAQLADHAPPEQYQPLATS
KAMSDVMTKLALDPKALADYKADHRAFAQSVPDLTPQERAALELGDSWAIRCAMKNMPSSLLDAARESGEEASQNGFPW
(MVA)I(MVA)(EME)GVIGVIGSVMSTE
;
B
#
# COMPACT_ATOMS: atom_id res chain seq x y z
N THR A 6 27.33 13.22 2.18
CA THR A 6 28.67 13.76 1.76
C THR A 6 28.91 13.47 0.27
N LYS A 7 28.85 12.19 -0.16
CA LYS A 7 29.17 11.74 -1.54
C LYS A 7 28.15 12.31 -2.54
N ALA A 8 28.63 12.72 -3.72
CA ALA A 8 27.76 13.10 -4.84
C ALA A 8 27.05 11.82 -5.32
N GLY A 9 25.79 11.96 -5.69
CA GLY A 9 25.05 10.83 -6.28
C GLY A 9 24.09 10.25 -5.27
N SER A 10 22.88 9.97 -5.72
CA SER A 10 21.78 9.47 -4.86
C SER A 10 20.91 8.54 -5.70
N LEU A 11 20.28 7.58 -5.04
CA LEU A 11 19.27 6.71 -5.69
C LEU A 11 17.99 6.82 -4.88
N THR A 12 16.93 7.28 -5.53
CA THR A 12 15.55 7.27 -4.98
C THR A 12 14.72 6.36 -5.86
N ILE A 13 14.13 5.32 -5.28
CA ILE A 13 13.23 4.42 -6.04
C ILE A 13 11.78 4.73 -5.65
N VAL A 14 10.94 4.94 -6.66
CA VAL A 14 9.53 5.36 -6.47
C VAL A 14 8.63 4.44 -7.29
N GLY A 15 7.35 4.48 -6.95
CA GLY A 15 6.30 3.71 -7.62
C GLY A 15 5.36 4.57 -8.44
N THR A 16 4.63 3.92 -9.35
CA THR A 16 3.58 4.60 -10.15
C THR A 16 2.20 4.23 -9.61
N GLY A 17 2.11 3.32 -8.65
CA GLY A 17 0.82 2.68 -8.31
C GLY A 17 0.37 1.80 -9.46
N ILE A 18 -0.90 1.37 -9.44
CA ILE A 18 -1.34 0.34 -10.42
C ILE A 18 -2.12 1.03 -11.55
N GLU A 19 -3.11 1.84 -11.20
CA GLU A 19 -3.97 2.51 -12.19
C GLU A 19 -3.18 3.67 -12.83
N SER A 20 -3.21 3.73 -14.16
CA SER A 20 -2.47 4.69 -15.01
C SER A 20 -2.48 6.10 -14.43
N ILE A 21 -1.30 6.63 -14.11
CA ILE A 21 -0.99 8.05 -13.78
C ILE A 21 -1.56 8.42 -12.40
N GLY A 22 -2.87 8.26 -12.20
CA GLY A 22 -3.56 8.78 -11.00
C GLY A 22 -3.07 8.16 -9.70
N GLN A 23 -2.52 6.95 -9.71
CA GLN A 23 -2.10 6.29 -8.45
C GLN A 23 -0.62 6.58 -8.14
N MET A 24 0.02 7.44 -8.90
CA MET A 24 1.37 7.94 -8.54
C MET A 24 1.19 8.93 -7.37
N THR A 25 2.09 8.90 -6.40
CA THR A 25 2.04 9.89 -5.30
C THR A 25 2.64 11.22 -5.76
N LEU A 26 2.27 12.29 -5.07
CA LEU A 26 2.81 13.64 -5.35
C LEU A 26 4.34 13.59 -5.21
N GLN A 27 4.86 12.91 -4.21
CA GLN A 27 6.33 12.90 -3.93
C GLN A 27 7.05 12.07 -5.02
N ALA A 28 6.48 10.96 -5.47
CA ALA A 28 7.03 10.18 -6.60
C ALA A 28 7.17 11.12 -7.81
N LEU A 29 6.11 11.83 -8.16
CA LEU A 29 6.14 12.79 -9.29
C LEU A 29 7.25 13.81 -9.07
N SER A 30 7.33 14.41 -7.88
N SER A 30 7.33 14.41 -7.88
CA SER A 30 8.30 15.48 -7.62
CA SER A 30 8.31 15.48 -7.58
C SER A 30 9.73 14.93 -7.78
C SER A 30 9.73 14.93 -7.78
N TYR A 31 10.01 13.69 -7.37
CA TYR A 31 11.39 13.11 -7.51
C TYR A 31 11.67 12.84 -8.99
N ILE A 32 10.68 12.35 -9.74
CA ILE A 32 10.82 12.09 -11.19
C ILE A 32 11.22 13.42 -11.87
N GLU A 33 10.58 14.52 -11.52
CA GLU A 33 10.86 15.85 -12.14
C GLU A 33 12.26 16.34 -11.73
N ALA A 34 12.70 16.11 -10.49
CA ALA A 34 13.98 16.64 -9.95
C ALA A 34 15.19 15.84 -10.44
N ALA A 35 14.99 14.58 -10.84
CA ALA A 35 16.09 13.63 -11.16
C ALA A 35 16.99 14.18 -12.28
N ALA A 36 18.28 13.87 -12.21
CA ALA A 36 19.25 14.01 -13.32
C ALA A 36 19.03 12.89 -14.34
N LYS A 37 18.64 11.69 -13.89
CA LYS A 37 18.32 10.58 -14.82
C LYS A 37 17.20 9.72 -14.21
N VAL A 38 16.29 9.24 -15.07
CA VAL A 38 15.11 8.42 -14.67
C VAL A 38 15.18 7.09 -15.40
N PHE A 39 15.12 5.99 -14.65
CA PHE A 39 14.98 4.62 -15.16
C PHE A 39 13.59 4.11 -14.73
N TYR A 40 12.81 3.61 -15.68
CA TYR A 40 11.40 3.23 -15.41
C TYR A 40 11.09 1.85 -15.99
N CYS A 41 10.20 1.15 -15.29
CA CYS A 41 9.60 -0.14 -15.69
C CYS A 41 8.10 -0.09 -15.36
N VAL A 42 7.26 0.26 -16.34
CA VAL A 42 5.80 0.49 -16.08
C VAL A 42 4.99 -0.40 -17.01
N ILE A 43 3.71 -0.61 -16.73
CA ILE A 43 2.86 -1.52 -17.57
C ILE A 43 2.36 -0.74 -18.77
N ASP A 44 1.71 0.39 -18.51
CA ASP A 44 0.80 1.00 -19.49
C ASP A 44 1.47 2.20 -20.14
N PRO A 45 1.17 2.39 -21.44
CA PRO A 45 1.81 3.45 -22.22
C PRO A 45 1.45 4.87 -21.80
N ALA A 46 0.31 5.09 -21.17
CA ALA A 46 -0.11 6.44 -20.75
C ALA A 46 0.76 6.88 -19.56
N THR A 47 1.05 5.97 -18.64
CA THR A 47 2.01 6.22 -17.53
C THR A 47 3.40 6.48 -18.11
N GLU A 48 3.83 5.67 -19.08
CA GLU A 48 5.15 5.84 -19.74
C GLU A 48 5.21 7.24 -20.35
N ALA A 49 4.20 7.63 -21.13
CA ALA A 49 4.17 8.93 -21.82
C ALA A 49 4.20 10.06 -20.78
N PHE A 50 3.41 9.92 -19.71
CA PHE A 50 3.35 10.90 -18.60
C PHE A 50 4.76 11.13 -18.02
N ILE A 51 5.46 10.06 -17.67
CA ILE A 51 6.85 10.15 -17.12
C ILE A 51 7.74 10.93 -18.09
N LEU A 52 7.71 10.60 -19.39
CA LEU A 52 8.60 11.25 -20.40
C LEU A 52 8.28 12.75 -20.51
N THR A 53 7.07 13.21 -20.19
CA THR A 53 6.77 14.68 -20.20
C THR A 53 7.39 15.34 -18.96
N LYS A 54 7.76 14.57 -17.94
CA LYS A 54 8.21 15.15 -16.64
C LYS A 54 9.73 15.22 -16.53
N ASN A 55 10.47 14.46 -17.35
CA ASN A 55 11.95 14.44 -17.29
C ASN A 55 12.48 14.15 -18.70
N LYS A 56 13.54 14.86 -19.09
CA LYS A 56 14.11 14.79 -20.46
C LYS A 56 15.13 13.66 -20.55
N ASN A 57 15.49 13.01 -19.44
CA ASN A 57 16.57 11.99 -19.43
C ASN A 57 16.04 10.68 -18.84
N CYS A 58 15.21 9.96 -19.58
CA CYS A 58 14.55 8.71 -19.15
C CYS A 58 15.10 7.53 -19.92
N VAL A 59 15.20 6.37 -19.25
CA VAL A 59 15.57 5.09 -19.89
C VAL A 59 14.51 4.04 -19.53
N ASP A 60 13.94 3.39 -20.53
CA ASP A 60 13.02 2.26 -20.31
C ASP A 60 13.81 1.00 -19.95
N LEU A 61 13.65 0.52 -18.71
CA LEU A 61 14.27 -0.73 -18.21
C LEU A 61 13.62 -1.97 -18.83
N TYR A 62 12.39 -1.85 -19.34
CA TYR A 62 11.63 -3.01 -19.88
C TYR A 62 12.41 -3.66 -21.04
N GLN A 63 13.22 -2.89 -21.76
CA GLN A 63 14.03 -3.41 -22.89
C GLN A 63 15.07 -4.45 -22.45
N TYR A 64 15.31 -4.65 -21.14
CA TYR A 64 16.33 -5.61 -20.63
C TYR A 64 15.70 -6.96 -20.33
N TYR A 65 14.38 -7.11 -20.53
CA TYR A 65 13.74 -8.44 -20.59
C TYR A 65 14.02 -9.05 -21.96
N ASP A 66 13.95 -10.37 -22.08
CA ASP A 66 13.95 -11.04 -23.40
C ASP A 66 13.38 -12.44 -23.25
N ASN A 67 12.90 -13.01 -24.36
CA ASN A 67 12.38 -14.39 -24.47
C ASN A 67 13.47 -15.35 -24.03
N GLY A 68 13.17 -16.22 -23.05
CA GLY A 68 14.10 -17.26 -22.54
C GLY A 68 15.24 -16.69 -21.72
N LYS A 69 15.26 -15.38 -21.46
CA LYS A 69 16.31 -14.71 -20.65
C LYS A 69 15.90 -14.77 -19.17
N SER A 70 16.76 -15.35 -18.34
CA SER A 70 16.58 -15.43 -16.86
C SER A 70 16.21 -14.04 -16.34
N ARG A 71 15.13 -13.92 -15.59
CA ARG A 71 14.67 -12.63 -15.02
C ARG A 71 15.77 -12.12 -14.08
N LEU A 72 16.46 -13.01 -13.38
CA LEU A 72 17.55 -12.61 -12.43
C LEU A 72 18.61 -11.79 -13.18
N ASN A 73 18.98 -12.21 -14.39
CA ASN A 73 20.00 -11.53 -15.23
C ASN A 73 19.46 -10.15 -15.64
N THR A 74 18.20 -10.08 -16.08
CA THR A 74 17.51 -8.79 -16.33
C THR A 74 17.63 -7.89 -15.09
N TYR A 75 17.33 -8.38 -13.89
CA TYR A 75 17.26 -7.57 -12.64
C TYR A 75 18.69 -7.07 -12.31
N THR A 76 19.70 -7.92 -12.46
CA THR A 76 21.11 -7.51 -12.24
C THR A 76 21.43 -6.33 -13.18
N GLN A 77 21.04 -6.43 -14.45
CA GLN A 77 21.25 -5.39 -15.49
C GLN A 77 20.49 -4.12 -15.13
N MET A 78 19.21 -4.21 -14.77
CA MET A 78 18.40 -3.02 -14.39
C MET A 78 19.05 -2.29 -13.22
N SER A 79 19.41 -3.01 -12.16
CA SER A 79 20.10 -2.44 -10.97
C SER A 79 21.40 -1.75 -11.40
N GLU A 80 22.21 -2.40 -12.23
CA GLU A 80 23.57 -1.88 -12.57
C GLU A 80 23.44 -0.59 -13.39
N LEU A 81 22.46 -0.50 -14.28
CA LEU A 81 22.23 0.73 -15.08
C LEU A 81 21.96 1.91 -14.14
N MET A 82 21.19 1.70 -13.07
CA MET A 82 20.85 2.78 -12.12
C MET A 82 22.09 3.13 -11.28
N VAL A 83 22.77 2.12 -10.75
CA VAL A 83 23.90 2.34 -9.81
C VAL A 83 25.09 2.97 -10.58
N ARG A 84 25.30 2.60 -11.84
CA ARG A 84 26.37 3.22 -12.67
C ARG A 84 26.22 4.75 -12.66
N GLU A 85 25.00 5.25 -12.78
CA GLU A 85 24.71 6.71 -12.86
C GLU A 85 24.88 7.35 -11.47
N VAL A 86 24.58 6.58 -10.41
CA VAL A 86 24.76 7.04 -9.00
C VAL A 86 26.27 7.26 -8.80
N ARG A 87 27.08 6.32 -9.26
CA ARG A 87 28.56 6.30 -9.01
C ARG A 87 29.23 7.47 -9.76
N LYS A 88 28.63 7.95 -10.84
CA LYS A 88 29.09 9.11 -11.66
C LYS A 88 28.65 10.44 -11.01
N GLY A 89 27.96 10.36 -9.86
CA GLY A 89 27.57 11.51 -9.01
C GLY A 89 26.21 12.10 -9.37
N LEU A 90 25.34 11.36 -10.05
CA LEU A 90 24.01 11.88 -10.47
C LEU A 90 22.93 11.54 -9.44
N ASP A 91 21.90 12.39 -9.34
CA ASP A 91 20.67 12.11 -8.58
C ASP A 91 19.77 11.23 -9.48
N VAL A 92 19.74 9.94 -9.20
CA VAL A 92 19.03 8.92 -10.03
C VAL A 92 17.67 8.60 -9.41
N VAL A 93 16.65 8.45 -10.26
CA VAL A 93 15.31 7.99 -9.79
C VAL A 93 14.95 6.75 -10.61
N GLY A 94 14.73 5.64 -9.91
CA GLY A 94 14.14 4.43 -10.46
C GLY A 94 12.64 4.42 -10.24
N VAL A 95 11.88 4.04 -11.26
CA VAL A 95 10.40 4.09 -11.23
C VAL A 95 9.89 2.69 -11.59
N PHE A 96 9.15 2.06 -10.67
CA PHE A 96 8.52 0.74 -10.90
C PHE A 96 7.01 0.82 -10.67
N TYR A 97 6.31 -0.08 -11.33
CA TYR A 97 4.83 -0.24 -11.28
C TYR A 97 4.46 -0.58 -9.83
N GLY A 98 3.34 -0.03 -9.34
CA GLY A 98 2.79 -0.32 -8.01
C GLY A 98 3.61 0.31 -6.92
N HIS A 99 3.90 -0.47 -5.89
CA HIS A 99 4.91 -0.17 -4.86
C HIS A 99 6.24 -0.75 -5.35
N PRO A 100 7.32 0.05 -5.42
CA PRO A 100 8.54 -0.39 -6.09
C PRO A 100 9.33 -1.46 -5.31
N GLY A 101 8.87 -1.77 -4.09
CA GLY A 101 9.51 -2.72 -3.16
C GLY A 101 8.69 -3.97 -2.92
N VAL A 102 7.52 -4.08 -3.54
CA VAL A 102 6.57 -5.20 -3.33
C VAL A 102 6.68 -6.12 -4.54
N PHE A 103 7.26 -7.31 -4.35
CA PHE A 103 7.54 -8.29 -5.41
C PHE A 103 8.41 -7.60 -6.48
N VAL A 104 9.48 -6.90 -6.08
CA VAL A 104 10.43 -6.24 -7.03
C VAL A 104 11.85 -6.58 -6.59
N ASN A 105 12.58 -7.32 -7.43
CA ASN A 105 14.00 -7.70 -7.14
C ASN A 105 14.95 -6.51 -7.35
N PRO A 106 14.95 -5.81 -8.50
CA PRO A 106 16.05 -4.90 -8.83
C PRO A 106 16.16 -3.62 -8.00
N SER A 107 15.04 -3.14 -7.47
CA SER A 107 14.95 -1.95 -6.56
C SER A 107 15.74 -2.25 -5.29
N HIS A 108 15.39 -3.34 -4.60
CA HIS A 108 16.10 -3.73 -3.36
C HIS A 108 17.59 -3.92 -3.65
N ARG A 109 17.94 -4.59 -4.75
CA ARG A 109 19.35 -4.84 -5.12
C ARG A 109 20.09 -3.50 -5.30
N ALA A 110 19.57 -2.60 -6.12
CA ALA A 110 20.22 -1.31 -6.46
C ALA A 110 20.38 -0.46 -5.18
N LEU A 111 19.35 -0.41 -4.35
CA LEU A 111 19.37 0.40 -3.09
C LEU A 111 20.42 -0.15 -2.13
N ALA A 112 20.51 -1.47 -2.00
CA ALA A 112 21.47 -2.10 -1.08
C ALA A 112 22.90 -1.81 -1.56
N ILE A 113 23.15 -1.88 -2.86
CA ILE A 113 24.50 -1.65 -3.45
C ILE A 113 24.88 -0.18 -3.20
N ALA A 114 23.98 0.73 -3.56
CA ALA A 114 24.17 2.19 -3.39
C ALA A 114 24.50 2.49 -1.91
N LYS A 115 23.68 1.97 -0.99
CA LYS A 115 23.85 2.15 0.47
C LYS A 115 25.23 1.61 0.89
N SER A 116 25.61 0.42 0.46
CA SER A 116 26.87 -0.25 0.87
C SER A 116 28.08 0.54 0.37
N GLU A 117 27.94 1.29 -0.74
CA GLU A 117 29.06 2.08 -1.32
C GLU A 117 29.04 3.54 -0.81
N GLY A 118 28.15 3.86 0.12
CA GLY A 118 28.14 5.14 0.86
C GLY A 118 27.29 6.22 0.22
N TYR A 119 26.41 5.90 -0.73
CA TYR A 119 25.52 6.91 -1.38
C TYR A 119 24.19 6.98 -0.62
N ARG A 120 23.54 8.14 -0.66
N ARG A 120 23.54 8.14 -0.66
CA ARG A 120 22.13 8.32 -0.23
CA ARG A 120 22.13 8.31 -0.23
C ARG A 120 21.25 7.39 -1.07
C ARG A 120 21.25 7.39 -1.07
N ALA A 121 20.37 6.64 -0.42
CA ALA A 121 19.55 5.60 -1.06
C ALA A 121 18.22 5.54 -0.31
N ARG A 122 17.11 5.70 -1.01
CA ARG A 122 15.78 5.69 -0.34
C ARG A 122 14.76 5.08 -1.27
N MET A 123 13.85 4.27 -0.72
CA MET A 123 12.64 3.82 -1.44
C MET A 123 11.46 4.64 -0.93
N LEU A 124 10.67 5.20 -1.82
CA LEU A 124 9.39 5.84 -1.45
C LEU A 124 8.30 4.82 -1.72
N PRO A 125 7.39 4.60 -0.75
CA PRO A 125 6.31 3.64 -0.94
C PRO A 125 5.33 4.09 -2.03
N GLY A 126 4.66 3.12 -2.62
CA GLY A 126 3.58 3.36 -3.59
C GLY A 126 2.41 2.45 -3.32
N VAL A 127 1.36 2.66 -4.09
CA VAL A 127 0.11 1.84 -4.03
C VAL A 127 0.37 0.51 -4.73
N SER A 128 0.26 -0.60 -3.99
CA SER A 128 0.47 -1.96 -4.51
C SER A 128 -0.84 -2.52 -5.07
N ALA A 129 -0.74 -3.65 -5.77
CA ALA A 129 -1.90 -4.42 -6.25
C ALA A 129 -2.72 -4.87 -5.04
N GLU A 130 -2.08 -5.13 -3.91
CA GLU A 130 -2.79 -5.56 -2.68
C GLU A 130 -3.58 -4.37 -2.11
N ASP A 131 -3.01 -3.17 -2.12
CA ASP A 131 -3.72 -1.92 -1.76
C ASP A 131 -4.97 -1.80 -2.63
N CYS A 132 -4.83 -2.04 -3.94
CA CYS A 132 -5.96 -1.97 -4.89
C CYS A 132 -6.98 -3.04 -4.51
N LEU A 133 -6.50 -4.25 -4.21
CA LEU A 133 -7.38 -5.39 -3.86
C LEU A 133 -8.27 -4.98 -2.67
N PHE A 134 -7.70 -4.48 -1.58
CA PHE A 134 -8.47 -4.07 -0.37
C PHE A 134 -9.57 -3.07 -0.77
N ALA A 135 -9.21 -2.08 -1.58
CA ALA A 135 -10.12 -1.00 -2.02
C ALA A 135 -11.26 -1.55 -2.89
N ASP A 136 -10.95 -2.40 -3.86
CA ASP A 136 -11.95 -2.87 -4.87
C ASP A 136 -12.80 -3.99 -4.29
N LEU A 137 -12.22 -4.87 -3.45
CA LEU A 137 -13.00 -5.99 -2.87
C LEU A 137 -13.68 -5.53 -1.59
N CYS A 138 -13.40 -4.30 -1.11
CA CYS A 138 -14.03 -3.71 0.10
C CYS A 138 -13.78 -4.63 1.29
N ILE A 139 -12.51 -4.94 1.51
CA ILE A 139 -12.08 -5.73 2.69
C ILE A 139 -11.00 -4.93 3.39
N ASP A 140 -10.81 -5.26 4.65
CA ASP A 140 -9.82 -4.61 5.53
C ASP A 140 -8.90 -5.72 5.99
N PRO A 141 -7.56 -5.62 5.74
CA PRO A 141 -6.65 -6.69 6.15
C PRO A 141 -6.75 -6.97 7.66
N SER A 142 -7.15 -5.97 8.47
CA SER A 142 -7.33 -6.07 9.95
C SER A 142 -8.41 -7.09 10.34
N ASN A 143 -9.46 -7.21 9.55
N ASN A 143 -9.46 -7.20 9.54
CA ASN A 143 -10.66 -8.04 9.86
CA ASN A 143 -10.65 -8.04 9.86
C ASN A 143 -10.81 -9.10 8.76
C ASN A 143 -10.80 -9.10 8.76
N PRO A 144 -10.24 -10.33 8.93
CA PRO A 144 -9.56 -10.77 10.16
C PRO A 144 -8.09 -11.21 10.09
N GLY A 145 -7.20 -10.30 9.68
CA GLY A 145 -5.79 -10.61 9.47
C GLY A 145 -5.56 -11.01 8.03
N CYS A 146 -4.33 -10.88 7.53
CA CYS A 146 -4.03 -11.08 6.09
C CYS A 146 -2.71 -11.84 5.93
N LEU A 147 -2.77 -12.96 5.19
CA LEU A 147 -1.58 -13.71 4.71
C LEU A 147 -1.37 -13.42 3.23
N THR A 148 -0.18 -12.95 2.88
CA THR A 148 0.19 -12.51 1.53
C THR A 148 1.41 -13.32 1.08
N TYR A 149 1.26 -14.05 -0.03
CA TYR A 149 2.33 -14.90 -0.61
C TYR A 149 2.47 -14.71 -2.14
N GLU A 150 3.69 -14.92 -2.63
CA GLU A 150 4.04 -15.23 -4.04
C GLU A 150 3.58 -16.68 -4.29
N ALA A 151 2.77 -16.95 -5.32
CA ALA A 151 2.08 -18.23 -5.58
C ALA A 151 3.06 -19.42 -5.68
N SER A 152 4.23 -19.24 -6.31
CA SER A 152 5.22 -20.33 -6.49
C SER A 152 5.91 -20.61 -5.16
N ASP A 153 6.26 -19.56 -4.42
CA ASP A 153 6.85 -19.63 -3.06
C ASP A 153 5.86 -20.36 -2.16
N PHE A 154 4.57 -19.99 -2.25
CA PHE A 154 3.44 -20.61 -1.52
C PHE A 154 3.55 -22.13 -1.64
N LEU A 155 3.78 -22.63 -2.86
CA LEU A 155 3.79 -24.07 -3.19
C LEU A 155 5.12 -24.70 -2.78
N ILE A 156 6.24 -24.13 -3.23
CA ILE A 156 7.59 -24.74 -3.09
C ILE A 156 7.95 -24.80 -1.61
N ARG A 157 7.66 -23.76 -0.84
CA ARG A 157 8.04 -23.70 0.60
C ARG A 157 6.87 -24.18 1.47
N ASP A 158 5.77 -24.62 0.85
CA ASP A 158 4.56 -25.13 1.53
C ASP A 158 4.13 -24.14 2.63
N ARG A 159 3.91 -22.86 2.27
CA ARG A 159 3.57 -21.77 3.22
C ARG A 159 2.23 -22.07 3.88
N PRO A 160 2.08 -21.84 5.20
CA PRO A 160 0.81 -22.10 5.88
C PRO A 160 -0.32 -21.16 5.48
N VAL A 161 -1.54 -21.69 5.34
CA VAL A 161 -2.78 -20.88 5.20
C VAL A 161 -3.49 -20.85 6.55
N SER A 162 -4.26 -19.79 6.81
CA SER A 162 -5.22 -19.68 7.94
C SER A 162 -6.62 -19.58 7.34
N ILE A 163 -7.48 -20.55 7.62
CA ILE A 163 -8.87 -20.56 7.10
C ILE A 163 -9.70 -19.46 7.81
N HIS A 164 -9.13 -18.78 8.81
CA HIS A 164 -9.82 -17.74 9.62
C HIS A 164 -9.44 -16.33 9.16
N SER A 165 -8.41 -16.20 8.32
CA SER A 165 -7.85 -14.89 7.90
C SER A 165 -7.90 -14.79 6.38
N HIS A 166 -7.75 -13.57 5.85
CA HIS A 166 -7.56 -13.29 4.41
C HIS A 166 -6.34 -14.06 3.87
N LEU A 167 -6.42 -14.55 2.64
CA LEU A 167 -5.26 -15.06 1.87
C LEU A 167 -5.21 -14.32 0.54
N VAL A 168 -4.05 -13.72 0.23
CA VAL A 168 -3.77 -13.07 -1.07
C VAL A 168 -2.54 -13.75 -1.71
N LEU A 169 -2.68 -14.16 -2.98
CA LEU A 169 -1.62 -14.81 -3.79
C LEU A 169 -1.28 -13.97 -5.03
N PHE A 170 -0.03 -13.50 -5.12
N PHE A 170 -0.02 -13.54 -5.14
CA PHE A 170 0.58 -12.77 -6.27
CA PHE A 170 0.56 -12.80 -6.29
C PHE A 170 1.26 -13.75 -7.24
C PHE A 170 1.27 -13.76 -7.24
N GLN A 171 1.45 -13.33 -8.50
CA GLN A 171 2.23 -14.08 -9.54
C GLN A 171 1.61 -15.47 -9.72
N VAL A 172 0.27 -15.56 -9.69
CA VAL A 172 -0.45 -16.84 -9.88
C VAL A 172 -0.40 -17.26 -11.36
N GLY A 173 -0.13 -16.33 -12.27
CA GLY A 173 -0.11 -16.61 -13.72
C GLY A 173 1.24 -17.09 -14.24
N CYS A 174 2.26 -17.25 -13.38
CA CYS A 174 3.61 -17.73 -13.81
C CYS A 174 4.19 -18.69 -12.76
N VAL A 175 3.40 -19.66 -12.34
CA VAL A 175 3.81 -20.71 -11.35
C VAL A 175 5.01 -21.50 -11.89
N GLY A 176 6.12 -21.46 -11.15
CA GLY A 176 7.34 -22.24 -11.47
C GLY A 176 8.13 -21.66 -12.63
N ILE A 177 7.83 -20.45 -13.11
CA ILE A 177 8.46 -19.89 -14.35
C ILE A 177 9.54 -18.86 -13.97
N ALA A 178 10.80 -19.10 -14.35
CA ALA A 178 12.00 -18.29 -14.00
C ALA A 178 12.32 -17.24 -15.08
N ASP A 179 11.73 -17.37 -16.28
CA ASP A 179 12.15 -16.55 -17.45
C ASP A 179 11.00 -15.65 -17.88
N PHE A 180 11.01 -15.25 -19.14
CA PHE A 180 10.17 -14.15 -19.65
C PHE A 180 9.74 -14.52 -21.06
N ASN A 181 8.59 -14.01 -21.49
CA ASN A 181 8.13 -14.14 -22.90
C ASN A 181 7.25 -12.92 -23.19
N PHE A 182 7.57 -12.18 -24.26
CA PHE A 182 6.88 -10.90 -24.61
C PHE A 182 5.37 -11.15 -24.77
N THR A 183 4.98 -12.32 -25.26
CA THR A 183 3.57 -12.72 -25.54
C THR A 183 2.95 -13.46 -24.34
N GLY A 184 3.61 -13.47 -23.18
CA GLY A 184 3.08 -14.07 -21.94
C GLY A 184 3.35 -15.56 -21.90
N PHE A 185 2.79 -16.25 -20.90
CA PHE A 185 3.17 -17.66 -20.57
C PHE A 185 1.96 -18.59 -20.72
N ASP A 186 2.26 -19.80 -21.21
CA ASP A 186 1.51 -21.05 -20.92
C ASP A 186 1.77 -21.40 -19.46
N ASN A 187 0.82 -21.04 -18.59
CA ASN A 187 0.85 -21.26 -17.12
C ASN A 187 0.49 -22.73 -16.85
N ASN A 188 1.31 -23.66 -17.33
CA ASN A 188 0.97 -25.11 -17.44
C ASN A 188 0.92 -25.77 -16.05
N LYS A 189 1.59 -25.19 -15.06
CA LYS A 189 1.69 -25.75 -13.68
C LYS A 189 0.62 -25.13 -12.78
N PHE A 190 -0.36 -24.42 -13.36
CA PHE A 190 -1.47 -23.74 -12.63
C PHE A 190 -2.23 -24.78 -11.80
N GLY A 191 -2.41 -25.99 -12.35
CA GLY A 191 -3.16 -27.07 -11.70
C GLY A 191 -2.56 -27.48 -10.36
N VAL A 192 -1.24 -27.28 -10.17
CA VAL A 192 -0.53 -27.56 -8.89
C VAL A 192 -1.03 -26.59 -7.82
N LEU A 193 -1.23 -25.32 -8.17
CA LEU A 193 -1.76 -24.32 -7.21
C LEU A 193 -3.17 -24.71 -6.79
N VAL A 194 -4.04 -25.03 -7.75
CA VAL A 194 -5.46 -25.40 -7.50
C VAL A 194 -5.52 -26.62 -6.57
N ASP A 195 -4.62 -27.60 -6.76
CA ASP A 195 -4.58 -28.82 -5.90
C ASP A 195 -4.37 -28.40 -4.44
N ARG A 196 -3.42 -27.51 -4.19
CA ARG A 196 -3.08 -27.00 -2.84
C ARG A 196 -4.31 -26.25 -2.27
N LEU A 197 -4.94 -25.38 -3.06
CA LEU A 197 -6.14 -24.61 -2.61
C LEU A 197 -7.27 -25.59 -2.24
N GLU A 198 -7.39 -26.71 -2.96
CA GLU A 198 -8.44 -27.73 -2.71
C GLU A 198 -8.18 -28.41 -1.37
N GLN A 199 -6.94 -28.84 -1.14
CA GLN A 199 -6.49 -29.46 0.15
C GLN A 199 -6.83 -28.52 1.31
N GLU A 200 -6.50 -27.22 1.19
CA GLU A 200 -6.50 -26.25 2.31
C GLU A 200 -7.91 -25.71 2.65
N TYR A 201 -8.83 -25.71 1.65
CA TYR A 201 -10.14 -24.99 1.73
C TYR A 201 -11.35 -25.81 1.26
N GLY A 202 -11.15 -26.89 0.48
CA GLY A 202 -12.26 -27.66 -0.11
C GLY A 202 -12.65 -27.12 -1.48
N ALA A 203 -13.28 -27.96 -2.31
CA ALA A 203 -13.56 -27.70 -3.74
C ALA A 203 -14.67 -26.65 -3.93
N GLU A 204 -15.48 -26.39 -2.90
CA GLU A 204 -16.68 -25.50 -2.97
C GLU A 204 -16.35 -24.08 -2.47
N HIS A 205 -15.18 -23.88 -1.87
CA HIS A 205 -14.78 -22.59 -1.23
C HIS A 205 -14.49 -21.55 -2.31
N PRO A 206 -14.94 -20.28 -2.16
CA PRO A 206 -14.69 -19.26 -3.18
C PRO A 206 -13.24 -18.77 -3.26
N VAL A 207 -12.80 -18.51 -4.48
CA VAL A 207 -11.53 -17.83 -4.84
C VAL A 207 -11.92 -16.65 -5.72
N VAL A 208 -11.45 -15.44 -5.39
CA VAL A 208 -11.75 -14.22 -6.18
C VAL A 208 -10.57 -13.98 -7.10
N HIS A 209 -10.82 -14.04 -8.42
CA HIS A 209 -9.89 -13.60 -9.48
C HIS A 209 -9.94 -12.07 -9.50
N TYR A 210 -8.85 -11.44 -9.09
CA TYR A 210 -8.79 -9.97 -8.96
C TYR A 210 -7.84 -9.41 -10.01
N ILE A 211 -8.34 -8.49 -10.83
CA ILE A 211 -7.48 -7.62 -11.68
C ILE A 211 -7.92 -6.17 -11.47
N ALA A 212 -7.06 -5.37 -10.86
CA ALA A 212 -7.20 -3.91 -10.75
C ALA A 212 -7.24 -3.33 -12.17
N ALA A 213 -8.19 -2.41 -12.40
CA ALA A 213 -8.23 -1.54 -13.60
C ALA A 213 -6.85 -0.88 -13.72
N MET A 214 -6.27 -0.96 -14.90
CA MET A 214 -4.97 -0.30 -15.15
C MET A 214 -5.18 1.03 -15.86
N MET A 215 -6.34 1.24 -16.46
CA MET A 215 -6.66 2.54 -17.08
C MET A 215 -7.87 3.16 -16.37
N PRO A 216 -7.95 4.50 -16.34
CA PRO A 216 -8.90 5.21 -15.48
C PRO A 216 -10.37 4.88 -15.74
N HIS A 217 -10.70 4.46 -16.95
CA HIS A 217 -12.11 4.24 -17.40
C HIS A 217 -12.53 2.78 -17.21
N GLN A 218 -11.59 1.87 -16.92
CA GLN A 218 -11.86 0.42 -16.87
C GLN A 218 -12.42 0.07 -15.49
N ASP A 219 -13.15 -1.03 -15.41
CA ASP A 219 -13.67 -1.58 -14.13
C ASP A 219 -12.70 -2.67 -13.69
N PRO A 220 -12.56 -2.93 -12.38
CA PRO A 220 -11.75 -4.04 -11.93
C PRO A 220 -12.44 -5.34 -12.31
N VAL A 221 -11.66 -6.42 -12.44
CA VAL A 221 -12.19 -7.81 -12.47
C VAL A 221 -12.27 -8.28 -11.02
N THR A 222 -13.48 -8.62 -10.56
CA THR A 222 -13.73 -9.16 -9.21
C THR A 222 -14.61 -10.42 -9.38
N ASP A 223 -14.07 -11.44 -10.04
CA ASP A 223 -14.85 -12.66 -10.42
C ASP A 223 -14.64 -13.74 -9.36
N LYS A 224 -15.73 -14.13 -8.68
CA LYS A 224 -15.72 -15.24 -7.70
C LYS A 224 -15.90 -16.57 -8.44
N TYR A 225 -15.01 -17.54 -8.19
CA TYR A 225 -15.10 -18.93 -8.68
C TYR A 225 -14.95 -19.88 -7.48
N THR A 226 -15.44 -21.12 -7.60
CA THR A 226 -15.12 -22.20 -6.64
C THR A 226 -13.69 -22.66 -6.96
N VAL A 227 -13.01 -23.29 -6.00
CA VAL A 227 -11.67 -23.92 -6.25
C VAL A 227 -11.82 -24.87 -7.44
N ALA A 228 -12.87 -25.68 -7.45
CA ALA A 228 -13.15 -26.68 -8.52
C ALA A 228 -13.21 -25.97 -9.87
N GLN A 229 -13.85 -24.81 -9.95
CA GLN A 229 -14.07 -24.10 -11.25
C GLN A 229 -12.72 -23.69 -11.87
N LEU A 230 -11.67 -23.50 -11.06
CA LEU A 230 -10.32 -23.14 -11.57
C LEU A 230 -9.74 -24.27 -12.42
N ARG A 231 -10.37 -25.45 -12.44
CA ARG A 231 -9.91 -26.63 -13.23
C ARG A 231 -10.51 -26.59 -14.65
N GLU A 232 -11.66 -25.93 -14.84
CA GLU A 232 -12.26 -25.70 -16.19
C GLU A 232 -11.26 -24.92 -17.05
N PRO A 233 -10.92 -25.42 -18.26
CA PRO A 233 -9.85 -24.81 -19.07
C PRO A 233 -10.16 -23.35 -19.48
N GLU A 234 -11.45 -23.06 -19.71
CA GLU A 234 -11.97 -21.73 -20.13
C GLU A 234 -11.70 -20.69 -19.03
N ILE A 235 -11.73 -21.10 -17.76
CA ILE A 235 -11.55 -20.22 -16.57
C ILE A 235 -10.05 -20.07 -16.27
N ALA A 236 -9.31 -21.18 -16.21
CA ALA A 236 -7.84 -21.20 -15.98
C ALA A 236 -7.16 -20.26 -16.97
N LYS A 237 -7.66 -20.20 -18.21
CA LYS A 237 -7.09 -19.39 -19.33
C LYS A 237 -7.27 -17.88 -19.06
N ARG A 238 -8.21 -17.50 -18.21
CA ARG A 238 -8.50 -16.08 -17.86
C ARG A 238 -7.42 -15.52 -16.92
N VAL A 239 -6.66 -16.39 -16.24
CA VAL A 239 -5.59 -16.01 -15.28
C VAL A 239 -4.35 -15.64 -16.09
N GLY A 240 -3.83 -14.43 -15.89
CA GLY A 240 -2.68 -13.87 -16.60
C GLY A 240 -1.63 -13.30 -15.67
N GLY A 241 -0.67 -12.60 -16.26
CA GLY A 241 0.47 -11.96 -15.57
C GLY A 241 0.05 -10.91 -14.56
N VAL A 242 -1.14 -10.30 -14.70
CA VAL A 242 -1.61 -9.23 -13.76
C VAL A 242 -2.72 -9.76 -12.84
N SER A 243 -2.90 -11.08 -12.79
CA SER A 243 -3.95 -11.73 -11.97
C SER A 243 -3.45 -11.92 -10.53
N THR A 244 -4.29 -11.58 -9.57
CA THR A 244 -4.07 -11.86 -8.13
C THR A 244 -5.27 -12.68 -7.64
N PHE A 245 -5.04 -13.62 -6.73
CA PHE A 245 -6.12 -14.38 -6.07
C PHE A 245 -6.33 -13.86 -4.64
N TYR A 246 -7.58 -13.67 -4.28
CA TYR A 246 -8.05 -13.40 -2.91
C TYR A 246 -8.91 -14.59 -2.48
N ILE A 247 -8.53 -15.23 -1.38
CA ILE A 247 -9.32 -16.36 -0.80
C ILE A 247 -9.84 -15.89 0.56
N PRO A 248 -11.18 -15.74 0.70
CA PRO A 248 -11.77 -15.29 1.96
C PRO A 248 -11.68 -16.36 3.03
N PRO A 249 -11.84 -15.96 4.31
CA PRO A 249 -11.96 -16.92 5.41
C PRO A 249 -13.10 -17.91 5.20
N LYS A 250 -12.93 -19.11 5.74
CA LYS A 250 -13.91 -20.23 5.66
C LYS A 250 -14.71 -20.27 6.96
N ALA A 251 -14.13 -19.81 8.07
CA ALA A 251 -14.76 -19.82 9.40
C ALA A 251 -14.27 -18.64 10.25
N ARG A 252 -14.90 -18.45 11.41
CA ARG A 252 -14.57 -17.36 12.36
C ARG A 252 -13.91 -17.98 13.59
N LYS A 253 -12.85 -17.35 14.06
CA LYS A 253 -12.01 -17.84 15.19
C LYS A 253 -12.64 -17.40 16.51
N ALA A 254 -12.69 -18.28 17.48
CA ALA A 254 -13.17 -18.00 18.85
C ALA A 254 -12.10 -17.22 19.65
N SER A 255 -12.61 -16.44 20.64
CA SER A 255 -11.78 -15.71 21.63
C SER A 255 -11.11 -16.67 22.62
N ASN A 256 -9.88 -16.32 22.98
CA ASN A 256 -9.00 -16.99 23.98
C ASN A 256 -9.41 -16.46 25.37
N LEU A 257 -10.01 -17.29 26.22
CA LEU A 257 -10.54 -16.86 27.54
C LEU A 257 -9.42 -16.28 28.42
N ASP A 258 -8.19 -16.82 28.34
CA ASP A 258 -7.01 -16.29 29.07
C ASP A 258 -6.80 -14.81 28.70
N ILE A 259 -6.85 -14.46 27.41
CA ILE A 259 -6.58 -13.08 26.93
C ILE A 259 -7.76 -12.18 27.33
N ILE A 260 -9.00 -12.66 27.17
CA ILE A 260 -10.24 -12.00 27.66
C ILE A 260 -10.03 -11.58 29.13
N ARG A 261 -9.48 -12.48 29.95
CA ARG A 261 -9.22 -12.20 31.40
C ARG A 261 -8.09 -11.17 31.53
N ARG A 262 -6.98 -11.37 30.82
CA ARG A 262 -5.78 -10.52 31.00
C ARG A 262 -6.04 -9.11 30.44
N LEU A 263 -6.96 -8.97 29.48
CA LEU A 263 -7.34 -7.65 28.89
C LEU A 263 -8.61 -7.10 29.57
N GLU A 264 -9.12 -7.77 30.59
CA GLU A 264 -10.23 -7.31 31.47
C GLU A 264 -11.47 -6.97 30.63
N LEU A 265 -11.74 -7.72 29.55
CA LEU A 265 -13.02 -7.68 28.80
C LEU A 265 -14.02 -8.55 29.56
N LEU A 266 -14.01 -8.40 30.89
CA LEU A 266 -14.12 -9.51 31.88
C LEU A 266 -15.52 -10.12 31.85
N PRO A 267 -16.62 -9.36 32.02
CA PRO A 267 -17.96 -9.94 32.02
C PRO A 267 -18.10 -10.81 30.76
N ALA A 268 -17.79 -12.10 30.90
CA ALA A 268 -17.59 -13.07 29.80
C ALA A 268 -18.86 -13.18 28.96
N GLY A 269 -20.03 -13.23 29.62
CA GLY A 269 -21.35 -13.27 28.98
C GLY A 269 -21.55 -12.13 27.98
N GLN A 270 -20.88 -10.98 28.21
CA GLN A 270 -21.02 -9.75 27.39
C GLN A 270 -20.15 -9.83 26.12
N VAL A 271 -19.08 -10.64 26.12
CA VAL A 271 -18.21 -10.82 24.91
C VAL A 271 -19.11 -11.32 23.77
N PRO A 272 -19.10 -10.67 22.59
CA PRO A 272 -19.91 -11.14 21.47
C PRO A 272 -19.55 -12.58 21.07
N ASP A 273 -20.58 -13.36 20.70
CA ASP A 273 -20.46 -14.65 19.95
C ASP A 273 -19.39 -14.45 18.86
N LYS A 274 -18.54 -15.44 18.65
CA LYS A 274 -17.47 -15.39 17.62
C LYS A 274 -18.10 -15.08 16.24
N LYS A 275 -19.40 -15.34 16.06
CA LYS A 275 -20.13 -15.12 14.77
C LYS A 275 -20.59 -13.67 14.62
N ALA A 276 -20.59 -12.89 15.71
CA ALA A 276 -21.02 -11.47 15.74
C ALA A 276 -20.01 -10.60 14.98
N ARG A 277 -20.48 -9.74 14.08
CA ARG A 277 -19.59 -8.92 13.21
C ARG A 277 -19.89 -7.44 13.43
N ILE A 278 -18.86 -6.61 13.27
CA ILE A 278 -18.99 -5.14 13.06
C ILE A 278 -19.43 -4.94 11.62
N TYR A 279 -20.46 -4.13 11.40
CA TYR A 279 -20.95 -3.81 10.04
C TYR A 279 -19.84 -3.05 9.31
N PRO A 280 -19.52 -3.36 8.04
CA PRO A 280 -20.14 -4.46 7.30
C PRO A 280 -19.35 -5.77 7.35
N ALA A 281 -20.02 -6.86 7.00
CA ALA A 281 -19.43 -8.20 6.80
C ALA A 281 -18.69 -8.25 5.46
N ASN A 282 -17.69 -9.12 5.39
CA ASN A 282 -16.95 -9.45 4.14
C ASN A 282 -17.92 -10.15 3.18
N GLN A 283 -18.28 -9.51 2.07
CA GLN A 283 -19.30 -10.01 1.11
C GLN A 283 -18.78 -11.23 0.35
N TRP A 284 -17.48 -11.52 0.37
CA TRP A 284 -16.86 -12.64 -0.41
C TRP A 284 -16.96 -13.95 0.37
N GLU A 285 -17.17 -13.87 1.68
CA GLU A 285 -17.23 -15.08 2.55
C GLU A 285 -18.41 -15.93 2.12
N PRO A 286 -18.25 -17.27 2.13
CA PRO A 286 -19.38 -18.18 1.91
C PRO A 286 -20.28 -18.13 3.15
N ASP A 287 -21.59 -18.10 2.93
CA ASP A 287 -22.64 -18.12 4.00
C ASP A 287 -22.51 -16.84 4.83
N VAL A 288 -22.22 -15.70 4.18
CA VAL A 288 -22.07 -14.37 4.83
C VAL A 288 -23.41 -14.01 5.47
N PRO A 289 -23.51 -13.95 6.82
CA PRO A 289 -24.76 -13.56 7.47
C PRO A 289 -24.98 -12.05 7.27
N GLU A 290 -26.22 -11.63 7.04
CA GLU A 290 -26.60 -10.19 6.92
C GLU A 290 -26.37 -9.50 8.26
N VAL A 291 -25.65 -8.39 8.26
CA VAL A 291 -25.29 -7.63 9.49
C VAL A 291 -26.08 -6.31 9.47
N GLU A 292 -26.73 -5.99 10.59
CA GLU A 292 -27.55 -4.77 10.76
C GLU A 292 -26.65 -3.55 10.83
N PRO A 293 -26.73 -2.60 9.86
CA PRO A 293 -25.97 -1.36 9.93
C PRO A 293 -26.46 -0.37 10.99
N TYR A 294 -27.74 -0.42 11.35
CA TYR A 294 -28.33 0.54 12.32
C TYR A 294 -28.91 -0.21 13.52
N ARG A 295 -28.02 -0.72 14.38
CA ARG A 295 -28.38 -1.31 15.69
C ARG A 295 -28.78 -0.18 16.64
N PRO A 296 -29.48 -0.46 17.75
CA PRO A 296 -29.82 0.58 18.72
C PRO A 296 -28.62 1.44 19.16
N SER A 297 -27.43 0.85 19.30
CA SER A 297 -26.20 1.59 19.69
C SER A 297 -25.86 2.61 18.58
N ASP A 298 -26.00 2.21 17.31
CA ASP A 298 -25.73 3.10 16.14
C ASP A 298 -26.71 4.27 16.15
N GLN A 299 -28.00 3.98 16.31
CA GLN A 299 -29.09 5.02 16.32
C GLN A 299 -28.83 6.01 17.46
N ALA A 300 -28.47 5.55 18.66
CA ALA A 300 -28.18 6.42 19.82
C ALA A 300 -26.96 7.31 19.52
N ALA A 301 -25.91 6.77 18.90
CA ALA A 301 -24.70 7.57 18.56
C ALA A 301 -25.11 8.65 17.56
N ILE A 302 -25.93 8.31 16.56
CA ILE A 302 -26.38 9.27 15.51
C ILE A 302 -27.26 10.34 16.14
N ALA A 303 -28.14 9.97 17.09
CA ALA A 303 -29.02 10.90 17.83
C ALA A 303 -28.17 11.96 18.55
N GLN A 304 -26.96 11.62 18.97
CA GLN A 304 -26.07 12.54 19.75
C GLN A 304 -25.49 13.63 18.83
N LEU A 305 -25.52 13.46 17.50
CA LEU A 305 -24.92 14.42 16.52
C LEU A 305 -25.58 15.81 16.65
N ALA A 306 -26.89 15.87 16.95
CA ALA A 306 -27.67 17.12 16.99
C ALA A 306 -27.04 18.12 17.98
N ASP A 307 -26.67 17.66 19.18
CA ASP A 307 -26.15 18.53 20.27
C ASP A 307 -24.62 18.47 20.34
N HIS A 308 -23.95 17.95 19.31
CA HIS A 308 -22.47 17.74 19.36
C HIS A 308 -21.76 19.10 19.25
N ALA A 309 -20.70 19.26 20.04
CA ALA A 309 -19.74 20.37 19.96
C ALA A 309 -18.33 19.77 20.03
N PRO A 310 -17.32 20.40 19.39
CA PRO A 310 -15.95 19.91 19.53
C PRO A 310 -15.62 19.78 21.01
N PRO A 311 -15.02 18.67 21.48
CA PRO A 311 -14.57 18.58 22.87
C PRO A 311 -13.56 19.70 23.18
N GLU A 312 -13.43 20.06 24.46
CA GLU A 312 -12.55 21.17 24.90
C GLU A 312 -11.10 20.92 24.46
N GLN A 313 -10.68 19.65 24.40
CA GLN A 313 -9.29 19.21 24.12
C GLN A 313 -9.03 19.15 22.59
N TYR A 314 -10.04 19.38 21.76
CA TYR A 314 -9.90 19.38 20.28
C TYR A 314 -9.03 20.58 19.90
N GLN A 315 -8.12 20.42 18.94
CA GLN A 315 -7.16 21.48 18.54
C GLN A 315 -7.49 21.95 17.13
N PRO A 316 -8.16 23.11 16.97
CA PRO A 316 -8.48 23.60 15.63
C PRO A 316 -7.18 24.04 14.93
N LEU A 317 -7.11 23.81 13.62
CA LEU A 317 -6.04 24.32 12.75
C LEU A 317 -6.05 25.84 12.87
N ALA A 318 -4.88 26.43 13.06
CA ALA A 318 -4.71 27.89 13.14
C ALA A 318 -3.33 28.19 12.59
N THR A 319 -3.24 28.26 11.26
CA THR A 319 -1.96 28.40 10.54
C THR A 319 -2.10 29.62 9.63
N SER A 320 -1.16 29.77 8.71
CA SER A 320 -1.05 30.92 7.80
C SER A 320 -0.78 30.36 6.41
N LYS A 321 -1.06 31.14 5.37
CA LYS A 321 -0.67 30.83 3.98
C LYS A 321 0.85 30.61 3.94
N ALA A 322 1.64 31.44 4.61
CA ALA A 322 3.13 31.36 4.56
C ALA A 322 3.57 29.99 5.09
N MET A 323 2.98 29.52 6.19
CA MET A 323 3.41 28.26 6.84
C MET A 323 2.92 27.06 6.03
N SER A 324 1.65 27.08 5.61
CA SER A 324 1.07 26.04 4.74
C SER A 324 1.92 25.92 3.47
N ASP A 325 2.29 27.07 2.89
CA ASP A 325 3.11 27.14 1.64
C ASP A 325 4.46 26.44 1.86
N VAL A 326 5.16 26.73 2.96
CA VAL A 326 6.53 26.18 3.14
C VAL A 326 6.42 24.68 3.44
N MET A 327 5.44 24.25 4.24
CA MET A 327 5.28 22.81 4.56
C MET A 327 4.91 22.04 3.28
N THR A 328 4.11 22.64 2.39
CA THR A 328 3.80 22.07 1.06
C THR A 328 5.08 21.99 0.23
N LYS A 329 5.87 23.07 0.19
CA LYS A 329 7.15 23.11 -0.57
C LYS A 329 8.10 22.01 -0.08
N LEU A 330 8.21 21.81 1.23
CA LEU A 330 9.12 20.77 1.79
C LEU A 330 8.67 19.38 1.35
N ALA A 331 7.37 19.15 1.18
CA ALA A 331 6.82 17.84 0.74
C ALA A 331 6.97 17.67 -0.78
N LEU A 332 6.88 18.74 -1.59
CA LEU A 332 6.72 18.64 -3.07
C LEU A 332 7.95 19.16 -3.81
N ASP A 333 8.98 19.62 -3.11
CA ASP A 333 10.21 20.17 -3.73
C ASP A 333 11.42 19.54 -3.04
N PRO A 334 11.93 18.41 -3.56
CA PRO A 334 13.04 17.68 -2.95
C PRO A 334 14.32 18.51 -2.79
N LYS A 335 14.53 19.49 -3.67
CA LYS A 335 15.70 20.42 -3.61
C LYS A 335 15.52 21.36 -2.40
N ALA A 336 14.32 21.91 -2.21
CA ALA A 336 13.97 22.73 -1.03
C ALA A 336 14.12 21.88 0.23
N LEU A 337 13.63 20.63 0.23
CA LEU A 337 13.77 19.71 1.40
C LEU A 337 15.27 19.52 1.71
N ALA A 338 16.11 19.22 0.72
CA ALA A 338 17.56 18.97 0.91
C ALA A 338 18.22 20.21 1.53
N ASP A 339 17.87 21.40 1.02
CA ASP A 339 18.37 22.69 1.55
C ASP A 339 17.97 22.83 3.02
N TYR A 340 16.71 22.55 3.34
CA TYR A 340 16.17 22.66 4.72
C TYR A 340 16.93 21.70 5.63
N LYS A 341 17.11 20.45 5.19
CA LYS A 341 17.76 19.38 6.00
C LYS A 341 19.22 19.75 6.22
N ALA A 342 19.85 20.45 5.26
CA ALA A 342 21.27 20.86 5.32
C ALA A 342 21.47 21.97 6.36
N ASP A 343 20.51 22.89 6.51
CA ASP A 343 20.63 24.05 7.43
C ASP A 343 19.25 24.64 7.78
N HIS A 344 18.62 24.05 8.81
CA HIS A 344 17.26 24.41 9.29
C HIS A 344 17.16 25.94 9.39
N ARG A 345 18.17 26.56 10.00
CA ARG A 345 18.16 28.00 10.41
C ARG A 345 18.21 28.91 9.18
N ALA A 346 19.23 28.77 8.34
CA ALA A 346 19.39 29.53 7.08
C ALA A 346 18.09 29.39 6.26
N PHE A 347 17.60 28.16 6.09
CA PHE A 347 16.36 27.92 5.31
C PHE A 347 15.19 28.68 5.95
N ALA A 348 14.96 28.47 7.25
CA ALA A 348 13.82 29.06 7.99
C ALA A 348 13.87 30.59 7.91
N GLN A 349 15.05 31.18 7.99
CA GLN A 349 15.21 32.66 8.07
C GLN A 349 15.02 33.30 6.69
N SER A 350 15.02 32.53 5.60
CA SER A 350 14.87 33.06 4.21
C SER A 350 13.42 32.86 3.71
N VAL A 351 12.57 32.18 4.47
CA VAL A 351 11.13 31.98 4.09
C VAL A 351 10.40 33.28 4.34
N PRO A 352 9.76 33.88 3.31
CA PRO A 352 9.06 35.16 3.49
C PRO A 352 7.73 34.94 4.24
N ASP A 353 7.41 35.87 5.14
CA ASP A 353 6.06 36.11 5.70
C ASP A 353 5.74 35.14 6.84
N LEU A 354 6.69 34.30 7.28
CA LEU A 354 6.48 33.44 8.47
C LEU A 354 6.35 34.35 9.71
N THR A 355 5.46 34.00 10.64
CA THR A 355 5.41 34.59 12.00
C THR A 355 6.67 34.17 12.74
N PRO A 356 7.08 34.90 13.79
CA PRO A 356 8.23 34.50 14.60
C PRO A 356 8.12 33.06 15.13
N GLN A 357 6.92 32.63 15.52
CA GLN A 357 6.71 31.26 16.04
C GLN A 357 6.94 30.25 14.90
N GLU A 358 6.45 30.56 13.71
CA GLU A 358 6.56 29.67 12.53
C GLU A 358 8.05 29.49 12.19
N ARG A 359 8.79 30.61 12.15
CA ARG A 359 10.25 30.64 11.91
C ARG A 359 10.95 29.77 12.96
N ALA A 360 10.69 30.01 14.25
CA ALA A 360 11.31 29.27 15.37
C ALA A 360 11.05 27.77 15.21
N ALA A 361 9.81 27.38 14.91
CA ALA A 361 9.37 25.99 14.76
C ALA A 361 10.17 25.28 13.66
N LEU A 362 10.37 25.94 12.52
CA LEU A 362 11.14 25.40 11.38
C LEU A 362 12.62 25.31 11.77
N GLU A 363 13.13 26.28 12.51
CA GLU A 363 14.55 26.32 12.94
C GLU A 363 14.84 25.06 13.75
N LEU A 364 13.93 24.68 14.66
CA LEU A 364 14.07 23.49 15.53
C LEU A 364 13.84 22.22 14.70
N GLY A 365 12.76 22.19 13.92
CA GLY A 365 12.36 21.02 13.13
C GLY A 365 11.50 20.03 13.91
N ASP A 366 11.37 20.20 15.23
CA ASP A 366 10.61 19.28 16.12
C ASP A 366 9.14 19.25 15.69
N SER A 367 8.55 18.07 15.64
CA SER A 367 7.09 17.83 15.44
C SER A 367 6.25 18.75 16.32
N TRP A 368 6.57 18.80 17.62
CA TRP A 368 5.73 19.53 18.61
C TRP A 368 5.71 21.02 18.25
N ALA A 369 6.87 21.59 17.93
CA ALA A 369 7.00 23.03 17.65
C ALA A 369 6.13 23.35 16.43
N ILE A 370 6.21 22.52 15.40
CA ILE A 370 5.45 22.72 14.13
C ILE A 370 3.95 22.58 14.43
N ARG A 371 3.56 21.59 15.24
CA ARG A 371 2.13 21.38 15.63
C ARG A 371 1.62 22.61 16.42
N CYS A 372 2.35 23.13 17.41
CA CYS A 372 1.88 24.32 18.17
C CYS A 372 1.76 25.53 17.26
N ALA A 373 2.64 25.61 16.27
CA ALA A 373 2.68 26.76 15.33
C ALA A 373 1.43 26.72 14.44
N MET A 374 0.88 25.52 14.17
CA MET A 374 -0.16 25.28 13.13
C MET A 374 -1.52 24.92 13.73
N LYS A 375 -1.57 24.57 15.02
CA LYS A 375 -2.81 24.19 15.75
C LYS A 375 -2.95 25.03 17.02
N ASN A 376 -4.16 25.52 17.32
CA ASN A 376 -4.46 26.15 18.65
C ASN A 376 -4.61 25.04 19.68
N MET A 377 -3.66 24.94 20.62
CA MET A 377 -3.66 23.96 21.74
C MET A 377 -4.43 24.60 22.89
N PRO A 378 -5.62 24.05 23.28
CA PRO A 378 -6.39 24.59 24.41
C PRO A 378 -5.70 24.30 25.75
N SER A 379 -5.95 25.16 26.76
CA SER A 379 -5.38 25.02 28.14
C SER A 379 -5.81 23.67 28.72
N SER A 380 -7.06 23.26 28.42
CA SER A 380 -7.66 21.96 28.81
C SER A 380 -6.76 20.78 28.40
N LEU A 381 -6.14 20.84 27.21
CA LEU A 381 -5.31 19.73 26.65
C LEU A 381 -3.99 19.59 27.42
N LEU A 382 -3.28 20.70 27.65
CA LEU A 382 -1.91 20.65 28.23
C LEU A 382 -2.02 20.48 29.75
N ASN A 395 2.69 13.26 20.36
CA ASN A 395 2.46 12.43 19.14
C ASN A 395 0.97 12.43 18.81
N GLY A 396 0.59 11.86 17.66
CA GLY A 396 -0.81 11.76 17.19
C GLY A 396 -1.50 10.51 17.72
N PHE A 397 -2.83 10.58 17.90
CA PHE A 397 -3.66 9.50 18.53
C PHE A 397 -4.89 9.11 17.68
N PRO A 398 -4.97 9.31 16.34
CA PRO A 398 -6.16 8.89 15.60
C PRO A 398 -6.09 7.41 15.22
N TRP A 399 -6.70 6.57 16.05
CA TRP A 399 -6.98 5.13 15.78
C TRP A 399 -8.30 5.05 15.04
N ILE A 401 -9.75 2.20 13.74
CA ILE A 401 -10.34 0.88 13.85
C ILE A 401 -10.33 0.43 15.30
N VAL A 402 -11.28 -0.43 15.62
CA VAL A 402 -11.41 -1.11 16.92
C VAL A 402 -11.84 -2.54 16.60
N GLU A 403 -11.17 -3.52 17.19
CA GLU A 403 -11.56 -4.95 17.15
C GLU A 403 -12.96 -5.08 17.77
N GLY A 404 -13.80 -5.96 17.22
CA GLY A 404 -15.23 -6.07 17.58
C GLY A 404 -15.50 -6.40 19.04
N VAL A 405 -14.85 -7.42 19.60
CA VAL A 405 -15.09 -7.84 21.02
C VAL A 405 -14.78 -6.67 21.97
N ILE A 406 -13.72 -5.90 21.70
CA ILE A 406 -13.34 -4.68 22.49
C ILE A 406 -14.40 -3.59 22.29
N GLY A 407 -14.77 -3.30 21.03
CA GLY A 407 -15.75 -2.25 20.66
C GLY A 407 -17.12 -2.49 21.27
N VAL A 408 -17.69 -3.68 21.05
CA VAL A 408 -19.08 -4.04 21.47
C VAL A 408 -19.20 -4.01 23.01
N ILE A 409 -18.18 -4.50 23.73
CA ILE A 409 -18.09 -4.41 25.21
C ILE A 409 -18.08 -2.93 25.63
N GLY A 410 -17.05 -2.18 25.20
CA GLY A 410 -16.85 -0.75 25.54
C GLY A 410 -17.58 0.16 24.58
N THR B 6 -26.99 6.32 -11.78
CA THR B 6 -28.35 6.90 -12.00
C THR B 6 -28.68 7.91 -10.89
N LYS B 7 -28.65 7.48 -9.61
CA LYS B 7 -29.01 8.33 -8.42
C LYS B 7 -28.01 9.48 -8.27
N ALA B 8 -28.50 10.67 -7.89
CA ALA B 8 -27.65 11.80 -7.51
C ALA B 8 -26.96 11.42 -6.20
N GLY B 9 -25.69 11.80 -6.07
CA GLY B 9 -24.97 11.59 -4.80
C GLY B 9 -24.02 10.44 -4.96
N SER B 10 -22.80 10.62 -4.49
CA SER B 10 -21.73 9.62 -4.62
C SER B 10 -20.85 9.71 -3.38
N LEU B 11 -20.23 8.61 -3.01
CA LEU B 11 -19.20 8.58 -1.95
C LEU B 11 -17.92 8.02 -2.56
N THR B 12 -16.86 8.82 -2.54
CA THR B 12 -15.49 8.39 -2.87
C THR B 12 -14.66 8.53 -1.61
N ILE B 13 -14.07 7.44 -1.14
CA ILE B 13 -13.15 7.52 0.02
C ILE B 13 -11.72 7.39 -0.50
N VAL B 14 -10.86 8.31 -0.08
CA VAL B 14 -9.46 8.41 -0.54
C VAL B 14 -8.53 8.47 0.67
N GLY B 15 -7.26 8.23 0.40
CA GLY B 15 -6.19 8.28 1.41
C GLY B 15 -5.28 9.47 1.25
N THR B 16 -4.54 9.81 2.30
CA THR B 16 -3.49 10.85 2.25
C THR B 16 -2.10 10.19 2.25
N GLY B 17 -2.02 8.88 2.40
CA GLY B 17 -0.72 8.23 2.71
C GLY B 17 -0.27 8.60 4.10
N ILE B 18 0.99 8.33 4.45
CA ILE B 18 1.43 8.51 5.86
C ILE B 18 2.23 9.81 5.97
N GLU B 19 3.24 10.00 5.12
CA GLU B 19 4.11 11.18 5.18
C GLU B 19 3.36 12.40 4.64
N SER B 20 3.39 13.50 5.38
CA SER B 20 2.64 14.75 5.14
C SER B 20 2.66 15.15 3.66
N ILE B 21 1.46 15.23 3.07
CA ILE B 21 1.13 15.80 1.74
C ILE B 21 1.66 14.91 0.61
N GLY B 22 2.95 14.64 0.57
CA GLY B 22 3.61 14.00 -0.58
C GLY B 22 3.12 12.60 -0.87
N GLN B 23 2.58 11.89 0.11
CA GLN B 23 2.17 10.47 -0.09
C GLN B 23 0.69 10.39 -0.49
N MET B 24 0.05 11.53 -0.75
CA MET B 24 -1.28 11.54 -1.38
C MET B 24 -1.11 11.18 -2.86
N THR B 25 -2.01 10.39 -3.41
CA THR B 25 -1.97 10.10 -4.87
C THR B 25 -2.56 11.27 -5.66
N LEU B 26 -2.17 11.38 -6.92
CA LEU B 26 -2.70 12.42 -7.83
C LEU B 26 -4.24 12.28 -7.88
N GLN B 27 -4.77 11.04 -7.95
CA GLN B 27 -6.25 10.86 -8.09
C GLN B 27 -6.95 11.26 -6.78
N ALA B 28 -6.39 10.94 -5.61
CA ALA B 28 -6.96 11.38 -4.31
C ALA B 28 -7.05 12.92 -4.31
N LEU B 29 -5.99 13.61 -4.68
CA LEU B 29 -6.02 15.10 -4.75
C LEU B 29 -7.13 15.54 -5.72
N SER B 30 -7.20 14.94 -6.91
CA SER B 30 -8.17 15.39 -7.93
C SER B 30 -9.60 15.19 -7.39
N TYR B 31 -9.89 14.12 -6.66
CA TYR B 31 -11.25 13.90 -6.10
C TYR B 31 -11.53 14.91 -4.96
N ILE B 32 -10.53 15.20 -4.14
CA ILE B 32 -10.68 16.20 -3.05
C ILE B 32 -11.06 17.56 -3.69
N GLU B 33 -10.41 17.94 -4.79
CA GLU B 33 -10.72 19.23 -5.47
C GLU B 33 -12.11 19.20 -6.11
N ALA B 34 -12.56 18.08 -6.68
CA ALA B 34 -13.84 18.00 -7.43
C ALA B 34 -15.05 17.89 -6.48
N ALA B 35 -14.84 17.45 -5.24
CA ALA B 35 -15.93 17.14 -4.28
C ALA B 35 -16.81 18.36 -4.03
N ALA B 36 -18.10 18.12 -3.79
CA ALA B 36 -19.05 19.12 -3.24
C ALA B 36 -18.78 19.27 -1.73
N LYS B 37 -18.39 18.19 -1.05
CA LYS B 37 -18.12 18.23 0.39
C LYS B 37 -17.01 17.23 0.73
N VAL B 38 -16.10 17.63 1.61
CA VAL B 38 -14.93 16.82 2.04
C VAL B 38 -15.00 16.60 3.54
N PHE B 39 -14.92 15.34 3.96
CA PHE B 39 -14.79 14.93 5.37
C PHE B 39 -13.42 14.28 5.51
N TYR B 40 -12.62 14.74 6.46
CA TYR B 40 -11.21 14.28 6.60
C TYR B 40 -10.89 13.91 8.04
N CYS B 41 -9.99 12.94 8.17
CA CYS B 41 -9.40 12.45 9.43
C CYS B 41 -7.89 12.22 9.18
N VAL B 42 -7.05 13.19 9.51
CA VAL B 42 -5.59 13.11 9.18
C VAL B 42 -4.77 13.29 10.45
N ILE B 43 -3.47 12.99 10.43
CA ILE B 43 -2.65 13.14 11.66
C ILE B 43 -2.17 14.59 11.75
N ASP B 44 -1.53 15.06 10.67
CA ASP B 44 -0.61 16.21 10.78
C ASP B 44 -1.26 17.46 10.20
N PRO B 45 -0.98 18.61 10.82
CA PRO B 45 -1.63 19.86 10.44
C PRO B 45 -1.26 20.38 9.04
N ALA B 46 -0.10 20.01 8.51
CA ALA B 46 0.33 20.47 7.17
C ALA B 46 -0.54 19.78 6.13
N THR B 47 -0.85 18.50 6.31
CA THR B 47 -1.78 17.74 5.44
C THR B 47 -3.17 18.35 5.57
N GLU B 48 -3.61 18.64 6.79
CA GLU B 48 -4.95 19.26 7.02
C GLU B 48 -4.99 20.61 6.29
N ALA B 49 -3.99 21.47 6.46
CA ALA B 49 -3.95 22.80 5.83
C ALA B 49 -3.98 22.64 4.30
N PHE B 50 -3.20 21.71 3.76
CA PHE B 50 -3.14 21.38 2.31
C PHE B 50 -4.55 21.07 1.80
N ILE B 51 -5.25 20.14 2.45
CA ILE B 51 -6.66 19.76 2.08
C ILE B 51 -7.55 21.01 2.03
N LEU B 52 -7.50 21.87 3.06
CA LEU B 52 -8.39 23.06 3.14
C LEU B 52 -8.05 24.05 2.03
N THR B 53 -6.85 24.07 1.47
CA THR B 53 -6.55 24.95 0.29
C THR B 53 -7.16 24.36 -0.98
N LYS B 54 -7.54 23.08 -0.98
CA LYS B 54 -7.99 22.38 -2.21
C LYS B 54 -9.52 22.34 -2.33
N ASN B 55 -10.24 22.52 -1.22
CA ASN B 55 -11.73 22.49 -1.24
C ASN B 55 -12.25 23.45 -0.17
N LYS B 56 -13.30 24.20 -0.49
CA LYS B 56 -13.85 25.25 0.39
C LYS B 56 -14.86 24.67 1.37
N ASN B 57 -15.25 23.39 1.24
CA ASN B 57 -16.33 22.79 2.07
C ASN B 57 -15.82 21.51 2.74
N CYS B 58 -14.94 21.66 3.73
CA CYS B 58 -14.29 20.55 4.46
C CYS B 58 -14.83 20.48 5.89
N VAL B 59 -14.97 19.26 6.41
CA VAL B 59 -15.33 19.02 7.83
C VAL B 59 -14.29 18.09 8.44
N ASP B 60 -13.70 18.50 9.56
CA ASP B 60 -12.77 17.65 10.34
C ASP B 60 -13.57 16.59 11.13
N LEU B 61 -13.42 15.31 10.78
CA LEU B 61 -14.02 14.17 11.49
C LEU B 61 -13.35 13.93 12.84
N TYR B 62 -12.11 14.41 13.03
CA TYR B 62 -11.35 14.15 14.29
C TYR B 62 -12.12 14.71 15.50
N GLN B 63 -12.92 15.76 15.30
CA GLN B 63 -13.73 16.36 16.40
C GLN B 63 -14.77 15.39 16.98
N TYR B 64 -15.00 14.21 16.39
CA TYR B 64 -16.01 13.24 16.87
C TYR B 64 -15.39 12.20 17.79
N TYR B 65 -14.08 12.27 18.01
CA TYR B 65 -13.42 11.53 19.12
C TYR B 65 -13.69 12.29 20.41
N ASP B 66 -13.64 11.60 21.55
CA ASP B 66 -13.64 12.27 22.88
C ASP B 66 -13.07 11.32 23.92
N ASN B 67 -12.58 11.89 25.04
CA ASN B 67 -12.08 11.16 26.22
C ASN B 67 -13.17 10.21 26.72
N GLY B 68 -12.87 8.92 26.84
CA GLY B 68 -13.77 7.89 27.37
C GLY B 68 -14.90 7.53 26.40
N LYS B 69 -14.93 8.11 25.20
CA LYS B 69 -15.99 7.85 24.18
C LYS B 69 -15.57 6.64 23.33
N SER B 70 -16.41 5.62 23.32
CA SER B 70 -16.26 4.40 22.49
C SER B 70 -15.92 4.83 21.05
N ARG B 71 -14.83 4.29 20.50
CA ARG B 71 -14.39 4.59 19.12
C ARG B 71 -15.50 4.12 18.16
N LEU B 72 -16.17 3.03 18.48
CA LEU B 72 -17.27 2.49 17.62
C LEU B 72 -18.35 3.57 17.42
N ASN B 73 -18.71 4.30 18.46
CA ASN B 73 -19.71 5.40 18.42
C ASN B 73 -19.18 6.54 17.54
N THR B 74 -17.92 6.93 17.74
CA THR B 74 -17.23 7.90 16.85
C THR B 74 -17.35 7.45 15.39
N TYR B 75 -17.09 6.17 15.07
CA TYR B 75 -17.04 5.67 13.68
C TYR B 75 -18.45 5.71 13.08
N THR B 76 -19.46 5.34 13.86
CA THR B 76 -20.88 5.43 13.43
C THR B 76 -21.18 6.88 13.03
N GLN B 77 -20.76 7.83 13.85
CA GLN B 77 -20.98 9.28 13.64
C GLN B 77 -20.22 9.76 12.39
N MET B 78 -18.94 9.41 12.24
CA MET B 78 -18.13 9.77 11.05
C MET B 78 -18.83 9.28 9.76
N SER B 79 -19.21 8.01 9.72
CA SER B 79 -19.91 7.39 8.58
C SER B 79 -21.20 8.15 8.28
N GLU B 80 -21.99 8.45 9.29
CA GLU B 80 -23.35 9.01 9.09
C GLU B 80 -23.24 10.44 8.54
N LEU B 81 -22.24 11.20 8.99
CA LEU B 81 -22.01 12.58 8.48
C LEU B 81 -21.77 12.51 6.97
N MET B 82 -21.01 11.51 6.48
CA MET B 82 -20.71 11.38 5.04
C MET B 82 -21.96 10.93 4.29
N VAL B 83 -22.64 9.89 4.78
CA VAL B 83 -23.79 9.31 4.04
C VAL B 83 -24.97 10.29 4.03
N ARG B 84 -25.17 11.09 5.07
CA ARG B 84 -26.25 12.11 5.08
C ARG B 84 -26.10 13.05 3.88
N GLU B 85 -24.86 13.44 3.54
CA GLU B 85 -24.60 14.38 2.41
C GLU B 85 -24.79 13.64 1.08
N VAL B 86 -24.49 12.34 1.05
CA VAL B 86 -24.68 11.49 -0.16
C VAL B 86 -26.18 11.46 -0.45
N ARG B 87 -26.99 11.28 0.59
CA ARG B 87 -28.47 11.07 0.46
C ARG B 87 -29.15 12.34 -0.06
N LYS B 88 -28.56 13.51 0.20
CA LYS B 88 -29.03 14.85 -0.25
C LYS B 88 -28.58 15.13 -1.69
N GLY B 89 -27.87 14.17 -2.32
CA GLY B 89 -27.47 14.19 -3.74
C GLY B 89 -26.10 14.84 -3.98
N LEU B 90 -25.24 14.94 -2.98
CA LEU B 90 -23.90 15.58 -3.13
C LEU B 90 -22.82 14.54 -3.47
N ASP B 91 -21.79 14.98 -4.21
CA ASP B 91 -20.57 14.19 -4.48
C ASP B 91 -19.65 14.39 -3.28
N VAL B 92 -19.61 13.39 -2.41
CA VAL B 92 -18.90 13.44 -1.10
C VAL B 92 -17.55 12.73 -1.25
N VAL B 93 -16.51 13.31 -0.64
CA VAL B 93 -15.18 12.65 -0.56
C VAL B 93 -14.83 12.56 0.93
N GLY B 94 -14.60 11.32 1.39
CA GLY B 94 -14.01 11.04 2.71
C GLY B 94 -12.52 10.86 2.55
N VAL B 95 -11.74 11.42 3.47
CA VAL B 95 -10.26 11.42 3.39
C VAL B 95 -9.75 10.85 4.72
N PHE B 96 -8.99 9.76 4.66
CA PHE B 96 -8.36 9.14 5.86
C PHE B 96 -6.86 9.01 5.63
N TYR B 97 -6.09 9.07 6.72
N TYR B 97 -6.12 9.05 6.75
CA TYR B 97 -4.62 8.95 6.64
CA TYR B 97 -4.66 8.77 6.91
C TYR B 97 -4.29 7.51 6.21
C TYR B 97 -4.29 7.45 6.24
N GLY B 98 -3.20 7.41 5.47
CA GLY B 98 -2.68 6.15 4.90
C GLY B 98 -3.55 5.70 3.75
N HIS B 99 -3.84 4.40 3.74
CA HIS B 99 -4.85 3.75 2.88
C HIS B 99 -6.17 3.81 3.65
N PRO B 100 -7.25 4.35 3.06
CA PRO B 100 -8.45 4.63 3.84
C PRO B 100 -9.26 3.38 4.20
N GLY B 101 -8.82 2.21 3.73
CA GLY B 101 -9.46 0.91 3.94
C GLY B 101 -8.63 -0.05 4.79
N VAL B 102 -7.46 0.37 5.25
CA VAL B 102 -6.51 -0.49 5.99
C VAL B 102 -6.59 -0.06 7.45
N PHE B 103 -7.18 -0.93 8.28
CA PHE B 103 -7.49 -0.67 9.70
C PHE B 103 -8.34 0.61 9.80
N VAL B 104 -9.40 0.72 8.99
CA VAL B 104 -10.34 1.88 9.07
C VAL B 104 -11.77 1.34 9.13
N ASN B 105 -12.47 1.56 10.25
CA ASN B 105 -13.89 1.14 10.41
C ASN B 105 -14.84 2.03 9.58
N PRO B 106 -14.83 3.36 9.72
CA PRO B 106 -15.93 4.18 9.18
C PRO B 106 -16.01 4.30 7.66
N SER B 107 -14.89 4.14 6.96
CA SER B 107 -14.83 4.12 5.46
C SER B 107 -15.63 2.94 4.95
N HIS B 108 -15.28 1.72 5.38
CA HIS B 108 -15.99 0.50 4.97
C HIS B 108 -17.48 0.62 5.31
N ARG B 109 -17.82 1.12 6.50
CA ARG B 109 -19.22 1.27 6.96
C ARG B 109 -19.97 2.22 5.99
N ALA B 110 -19.45 3.42 5.77
CA ALA B 110 -20.12 4.45 4.95
C ALA B 110 -20.28 3.94 3.51
N LEU B 111 -19.26 3.29 2.95
CA LEU B 111 -19.30 2.75 1.56
C LEU B 111 -20.36 1.67 1.44
N ALA B 112 -20.46 0.78 2.44
CA ALA B 112 -21.42 -0.34 2.42
C ALA B 112 -22.84 0.24 2.50
N ILE B 113 -23.06 1.26 3.34
CA ILE B 113 -24.41 1.88 3.51
C ILE B 113 -24.79 2.55 2.18
N ALA B 114 -23.90 3.38 1.65
CA ALA B 114 -24.10 4.08 0.36
C ALA B 114 -24.44 3.06 -0.74
N LYS B 115 -23.63 2.01 -0.87
CA LYS B 115 -23.83 0.94 -1.88
C LYS B 115 -25.21 0.29 -1.69
N SER B 116 -25.58 -0.05 -0.45
CA SER B 116 -26.85 -0.76 -0.14
C SER B 116 -28.05 0.12 -0.48
N GLU B 117 -27.91 1.45 -0.43
CA GLU B 117 -29.02 2.40 -0.72
C GLU B 117 -28.99 2.85 -2.19
N GLY B 118 -28.10 2.28 -3.01
CA GLY B 118 -28.09 2.43 -4.48
C GLY B 118 -27.24 3.60 -4.98
N TYR B 119 -26.34 4.17 -4.15
CA TYR B 119 -25.45 5.28 -4.59
C TYR B 119 -24.13 4.72 -5.11
N ARG B 120 -23.49 5.45 -6.02
CA ARG B 120 -22.11 5.19 -6.47
C ARG B 120 -21.20 5.31 -5.23
N ALA B 121 -20.32 4.33 -5.05
CA ALA B 121 -19.49 4.20 -3.84
C ALA B 121 -18.18 3.57 -4.26
N ARG B 122 -17.06 4.24 -3.98
CA ARG B 122 -15.76 3.71 -4.41
C ARG B 122 -14.73 4.07 -3.34
N MET B 123 -13.83 3.14 -3.07
CA MET B 123 -12.61 3.44 -2.29
C MET B 123 -11.43 3.52 -3.25
N LEU B 124 -10.61 4.57 -3.13
CA LEU B 124 -9.36 4.66 -3.90
C LEU B 124 -8.27 4.24 -2.93
N PRO B 125 -7.36 3.34 -3.37
CA PRO B 125 -6.28 2.88 -2.52
C PRO B 125 -5.31 4.03 -2.22
N GLY B 126 -4.62 3.91 -1.09
CA GLY B 126 -3.56 4.83 -0.70
C GLY B 126 -2.38 4.09 -0.13
N VAL B 127 -1.32 4.81 0.16
CA VAL B 127 -0.08 4.26 0.77
C VAL B 127 -0.33 4.03 2.26
N SER B 128 -0.24 2.78 2.72
CA SER B 128 -0.47 2.38 4.13
C SER B 128 0.83 2.51 4.92
N ALA B 129 0.73 2.40 6.24
CA ALA B 129 1.89 2.31 7.14
C ALA B 129 2.71 1.06 6.80
N GLU B 130 2.06 0.01 6.33
CA GLU B 130 2.77 -1.24 5.93
C GLU B 130 3.56 -0.99 4.63
N ASP B 131 2.98 -0.28 3.67
CA ASP B 131 3.70 0.18 2.45
C ASP B 131 4.95 0.93 2.89
N CYS B 132 4.83 1.85 3.85
CA CYS B 132 5.97 2.62 4.39
C CYS B 132 6.98 1.67 5.02
N LEU B 133 6.49 0.72 5.79
CA LEU B 133 7.34 -0.25 6.50
C LEU B 133 8.24 -0.98 5.47
N PHE B 134 7.65 -1.52 4.39
CA PHE B 134 8.42 -2.26 3.37
C PHE B 134 9.54 -1.37 2.81
N ALA B 135 9.20 -0.13 2.48
CA ALA B 135 10.12 0.85 1.89
C ALA B 135 11.26 1.19 2.86
N ASP B 136 10.95 1.47 4.13
CA ASP B 136 11.95 1.98 5.11
C ASP B 136 12.77 0.83 5.67
N LEU B 137 12.18 -0.35 5.87
CA LEU B 137 12.93 -1.50 6.43
C LEU B 137 13.62 -2.27 5.29
N CYS B 138 13.35 -1.91 4.03
CA CYS B 138 13.98 -2.51 2.83
C CYS B 138 13.70 -4.01 2.84
N ILE B 139 12.43 -4.36 2.93
CA ILE B 139 11.98 -5.78 2.87
C ILE B 139 10.89 -5.84 1.82
N ASP B 140 10.69 -7.04 1.33
CA ASP B 140 9.71 -7.35 0.28
C ASP B 140 8.77 -8.37 0.89
N PRO B 141 7.44 -8.10 0.95
CA PRO B 141 6.51 -9.04 1.55
C PRO B 141 6.59 -10.42 0.87
N SER B 142 7.00 -10.47 -0.41
CA SER B 142 7.17 -11.73 -1.20
C SER B 142 8.23 -12.67 -0.61
N ASN B 143 9.31 -12.12 -0.03
N ASN B 143 9.30 -12.12 -0.02
CA ASN B 143 10.48 -12.89 0.47
CA ASN B 143 10.47 -12.89 0.46
C ASN B 143 10.61 -12.65 1.96
C ASN B 143 10.63 -12.66 1.96
N PRO B 144 10.03 -13.52 2.83
CA PRO B 144 9.33 -14.75 2.45
C PRO B 144 7.85 -14.94 2.81
N GLY B 145 6.98 -14.06 2.31
CA GLY B 145 5.56 -14.06 2.67
C GLY B 145 5.32 -13.13 3.86
N CYS B 146 4.09 -12.65 4.04
CA CYS B 146 3.78 -11.60 5.06
C CYS B 146 2.46 -11.91 5.76
N LEU B 147 2.51 -11.98 7.10
CA LEU B 147 1.31 -12.04 7.98
C LEU B 147 1.11 -10.68 8.64
N THR B 148 -0.09 -10.13 8.47
CA THR B 148 -0.45 -8.76 8.94
C THR B 148 -1.66 -8.86 9.86
N TYR B 149 -1.50 -8.40 11.10
CA TYR B 149 -2.57 -8.44 12.14
C TYR B 149 -2.68 -7.11 12.91
N GLU B 150 -3.88 -6.83 13.40
CA GLU B 150 -4.20 -5.87 14.49
C GLU B 150 -3.76 -6.53 15.79
N ALA B 151 -2.94 -5.87 16.61
CA ALA B 151 -2.26 -6.45 17.80
C ALA B 151 -3.26 -7.07 18.80
N SER B 152 -4.40 -6.44 19.04
CA SER B 152 -5.42 -6.92 20.02
C SER B 152 -6.14 -8.15 19.45
N ASP B 153 -6.47 -8.11 18.16
CA ASP B 153 -7.09 -9.23 17.42
C ASP B 153 -6.11 -10.41 17.44
N PHE B 154 -4.81 -10.14 17.21
CA PHE B 154 -3.70 -11.12 17.26
C PHE B 154 -3.84 -11.94 18.55
N LEU B 155 -4.06 -11.25 19.68
CA LEU B 155 -4.08 -11.87 21.03
C LEU B 155 -5.43 -12.56 21.27
N ILE B 156 -6.52 -11.83 21.09
CA ILE B 156 -7.89 -12.27 21.49
C ILE B 156 -8.27 -13.50 20.65
N ARG B 157 -7.98 -13.50 19.35
CA ARG B 157 -8.37 -14.61 18.45
C ARG B 157 -7.21 -15.61 18.32
N ASP B 158 -6.11 -15.41 19.04
CA ASP B 158 -4.90 -16.29 19.02
C ASP B 158 -4.49 -16.55 17.56
N ARG B 159 -4.25 -15.49 16.77
CA ARG B 159 -3.92 -15.60 15.33
C ARG B 159 -2.57 -16.32 15.17
N PRO B 160 -2.44 -17.25 14.19
CA PRO B 160 -1.18 -17.97 13.98
C PRO B 160 -0.02 -17.09 13.48
N VAL B 161 1.18 -17.32 14.00
CA VAL B 161 2.43 -16.75 13.45
C VAL B 161 3.12 -17.83 12.60
N SER B 162 3.89 -17.40 11.59
CA SER B 162 4.83 -18.25 10.84
C SER B 162 6.26 -17.75 11.12
N ILE B 163 7.10 -18.59 11.73
CA ILE B 163 8.50 -18.20 12.06
C ILE B 163 9.33 -18.08 10.77
N HIS B 164 8.75 -18.48 9.62
CA HIS B 164 9.46 -18.50 8.31
C HIS B 164 9.09 -17.28 7.47
N SER B 165 8.06 -16.52 7.84
CA SER B 165 7.54 -15.39 7.05
C SER B 165 7.59 -14.11 7.89
N HIS B 166 7.43 -12.97 7.22
CA HIS B 166 7.29 -11.64 7.86
C HIS B 166 6.06 -11.65 8.80
N LEU B 167 6.16 -10.96 9.93
CA LEU B 167 4.99 -10.62 10.79
C LEU B 167 4.96 -9.10 10.98
N VAL B 168 3.80 -8.49 10.69
CA VAL B 168 3.53 -7.06 10.95
C VAL B 168 2.31 -6.94 11.87
N LEU B 169 2.46 -6.16 12.95
CA LEU B 169 1.40 -5.90 13.97
C LEU B 169 1.11 -4.39 14.03
N PHE B 170 -0.14 -4.01 13.74
CA PHE B 170 -0.68 -2.63 13.85
C PHE B 170 -1.34 -2.44 15.22
N GLN B 171 -1.46 -1.18 15.67
CA GLN B 171 -2.22 -0.78 16.89
C GLN B 171 -1.63 -1.51 18.11
N VAL B 172 -0.30 -1.65 18.15
CA VAL B 172 0.43 -2.25 19.30
C VAL B 172 0.41 -1.30 20.50
N GLY B 173 0.13 0.00 20.31
CA GLY B 173 0.15 1.00 21.39
C GLY B 173 -1.18 1.15 22.10
N CYS B 174 -2.21 0.39 21.73
CA CYS B 174 -3.55 0.46 22.39
C CYS B 174 -4.15 -0.94 22.51
N VAL B 175 -3.37 -1.87 23.04
CA VAL B 175 -3.81 -3.29 23.25
C VAL B 175 -5.00 -3.32 24.21
N GLY B 176 -6.13 -3.87 23.75
CA GLY B 176 -7.34 -4.08 24.58
C GLY B 176 -8.11 -2.79 24.86
N ILE B 177 -7.78 -1.68 24.20
CA ILE B 177 -8.37 -0.33 24.52
C ILE B 177 -9.43 0.01 23.47
N ALA B 178 -10.67 0.22 23.94
CA ALA B 178 -11.88 0.44 23.10
C ALA B 178 -12.14 1.93 22.88
N ASP B 179 -11.53 2.81 23.67
CA ASP B 179 -11.90 4.24 23.72
C ASP B 179 -10.74 5.11 23.21
N PHE B 180 -10.73 6.36 23.66
CA PHE B 180 -9.88 7.43 23.09
C PHE B 180 -9.46 8.33 24.24
N ASN B 181 -8.30 8.97 24.12
CA ASN B 181 -7.86 10.00 25.09
C ASN B 181 -6.97 10.97 24.33
N PHE B 182 -7.28 12.27 24.38
CA PHE B 182 -6.57 13.31 23.60
C PHE B 182 -5.08 13.31 23.97
N THR B 183 -4.71 12.95 25.20
CA THR B 183 -3.32 12.90 25.71
C THR B 183 -2.70 11.50 25.55
N GLY B 184 -3.36 10.58 24.82
CA GLY B 184 -2.84 9.22 24.55
C GLY B 184 -3.17 8.26 25.67
N PHE B 185 -2.70 7.01 25.59
CA PHE B 185 -2.99 5.97 26.62
C PHE B 185 -1.73 5.47 27.32
N ASP B 186 -1.91 5.15 28.60
CA ASP B 186 -1.18 4.10 29.36
C ASP B 186 -1.58 2.74 28.75
N ASN B 187 -0.72 2.24 27.87
CA ASN B 187 -0.82 0.94 27.17
C ASN B 187 -0.49 -0.17 28.19
N ASN B 188 -1.33 -0.34 29.20
CA ASN B 188 -1.03 -1.16 30.42
C ASN B 188 -1.07 -2.65 30.09
N LYS B 189 -1.73 -3.07 29.01
CA LYS B 189 -1.85 -4.50 28.62
C LYS B 189 -0.78 -4.86 27.59
N PHE B 190 0.23 -3.99 27.37
CA PHE B 190 1.34 -4.18 26.41
C PHE B 190 2.08 -5.48 26.76
N GLY B 191 2.23 -5.77 28.04
CA GLY B 191 2.97 -6.96 28.54
C GLY B 191 2.34 -8.25 28.07
N VAL B 192 1.03 -8.26 27.80
CA VAL B 192 0.29 -9.44 27.27
C VAL B 192 0.78 -9.73 25.84
N LEU B 193 1.00 -8.70 25.03
CA LEU B 193 1.51 -8.88 23.64
C LEU B 193 2.93 -9.47 23.70
N VAL B 194 3.80 -8.90 24.54
CA VAL B 194 5.21 -9.35 24.69
C VAL B 194 5.23 -10.83 25.10
N ASP B 195 4.33 -11.25 25.99
CA ASP B 195 4.25 -12.67 26.45
C ASP B 195 4.03 -13.58 25.24
N ARG B 196 3.07 -13.22 24.37
CA ARG B 196 2.75 -13.99 23.15
C ARG B 196 3.97 -14.03 22.21
N LEU B 197 4.63 -12.89 21.99
CA LEU B 197 5.83 -12.81 21.10
C LEU B 197 6.94 -13.71 21.67
N GLU B 198 7.05 -13.81 22.99
CA GLU B 198 8.08 -14.64 23.66
C GLU B 198 7.80 -16.13 23.41
N GLN B 199 6.54 -16.55 23.61
CA GLN B 199 6.09 -17.95 23.34
C GLN B 199 6.42 -18.30 21.88
N GLU B 200 6.11 -17.43 20.93
CA GLU B 200 6.11 -17.74 19.47
C GLU B 200 7.52 -17.71 18.84
N TYR B 201 8.45 -16.92 19.45
CA TYR B 201 9.77 -16.58 18.83
C TYR B 201 10.97 -16.71 19.78
N GLY B 202 10.78 -16.73 21.10
CA GLY B 202 11.88 -16.74 22.07
C GLY B 202 12.29 -15.33 22.47
N ALA B 203 12.93 -15.18 23.64
CA ALA B 203 13.23 -13.88 24.30
C ALA B 203 14.34 -13.12 23.57
N GLU B 204 15.14 -13.80 22.74
CA GLU B 204 16.35 -13.24 22.07
C GLU B 204 16.02 -12.75 20.65
N HIS B 205 14.86 -13.10 20.12
CA HIS B 205 14.45 -12.82 18.72
C HIS B 205 14.18 -11.32 18.54
N PRO B 206 14.63 -10.69 17.44
CA PRO B 206 14.40 -9.26 17.24
C PRO B 206 12.96 -8.88 16.88
N VAL B 207 12.54 -7.73 17.40
CA VAL B 207 11.27 -7.02 17.06
C VAL B 207 11.69 -5.62 16.65
N VAL B 208 11.22 -5.14 15.49
CA VAL B 208 11.57 -3.78 15.00
C VAL B 208 10.41 -2.86 15.33
N HIS B 209 10.67 -1.86 16.18
CA HIS B 209 9.74 -0.74 16.47
C HIS B 209 9.81 0.20 15.26
N TYR B 210 8.73 0.28 14.50
CA TYR B 210 8.70 1.05 13.25
C TYR B 210 7.76 2.24 13.41
N ILE B 211 8.29 3.45 13.19
CA ILE B 211 7.46 4.67 12.99
C ILE B 211 7.93 5.36 11.72
N ALA B 212 7.07 5.36 10.69
CA ALA B 212 7.25 6.16 9.46
C ALA B 212 7.32 7.64 9.84
N ALA B 213 8.29 8.36 9.26
CA ALA B 213 8.37 9.82 9.24
C ALA B 213 7.01 10.36 8.79
N MET B 214 6.43 11.25 9.57
CA MET B 214 5.13 11.85 9.18
C MET B 214 5.36 13.22 8.56
N MET B 215 6.54 13.82 8.78
CA MET B 215 6.89 15.08 8.08
C MET B 215 8.07 14.84 7.17
N PRO B 216 8.17 15.61 6.07
CA PRO B 216 9.10 15.29 4.98
C PRO B 216 10.58 15.31 5.39
N HIS B 217 10.94 16.05 6.44
CA HIS B 217 12.34 16.22 6.89
C HIS B 217 12.75 15.19 7.95
N GLN B 218 11.80 14.44 8.51
CA GLN B 218 12.04 13.53 9.66
C GLN B 218 12.59 12.21 9.15
N ASP B 219 13.31 11.49 9.99
CA ASP B 219 13.79 10.12 9.71
C ASP B 219 12.78 9.14 10.29
N PRO B 220 12.62 7.95 9.71
CA PRO B 220 11.79 6.92 10.32
C PRO B 220 12.46 6.43 11.61
N VAL B 221 11.67 5.91 12.54
CA VAL B 221 12.18 5.09 13.66
C VAL B 221 12.23 3.64 13.17
N THR B 222 13.42 3.05 13.17
CA THR B 222 13.66 1.63 12.79
C THR B 222 14.51 1.01 13.91
N ASP B 223 13.95 0.95 15.13
CA ASP B 223 14.72 0.51 16.34
C ASP B 223 14.49 -0.99 16.57
N LYS B 224 15.56 -1.77 16.47
CA LYS B 224 15.51 -3.23 16.72
C LYS B 224 15.71 -3.47 18.22
N TYR B 225 14.80 -4.23 18.84
CA TYR B 225 14.89 -4.68 20.26
C TYR B 225 14.71 -6.20 20.28
N THR B 226 15.22 -6.87 21.33
CA THR B 226 14.87 -8.28 21.64
C THR B 226 13.45 -8.27 22.21
N VAL B 227 12.75 -9.40 22.14
CA VAL B 227 11.42 -9.56 22.81
C VAL B 227 11.59 -9.18 24.28
N ALA B 228 12.64 -9.68 24.95
CA ALA B 228 12.95 -9.42 26.36
C ALA B 228 13.01 -7.91 26.61
N GLN B 229 13.67 -7.14 25.72
CA GLN B 229 13.90 -5.70 25.92
C GLN B 229 12.57 -4.94 25.98
N LEU B 230 11.52 -5.45 25.33
CA LEU B 230 10.17 -4.82 25.34
C LEU B 230 9.59 -4.79 26.76
N ARG B 231 10.21 -5.47 27.73
CA ARG B 231 9.74 -5.51 29.14
C ARG B 231 10.35 -4.36 29.95
N GLU B 232 11.50 -3.82 29.53
CA GLU B 232 12.14 -2.64 30.16
C GLU B 232 11.18 -1.45 30.07
N PRO B 233 10.84 -0.78 31.18
CA PRO B 233 9.80 0.25 31.20
C PRO B 233 10.10 1.43 30.26
N GLU B 234 11.39 1.80 30.16
CA GLU B 234 11.90 2.92 29.34
C GLU B 234 11.63 2.67 27.85
N ILE B 235 11.67 1.39 27.42
CA ILE B 235 11.49 0.95 26.01
C ILE B 235 9.99 0.81 25.69
N ALA B 236 9.24 0.10 26.55
CA ALA B 236 7.78 -0.10 26.42
C ALA B 236 7.09 1.27 26.26
N LYS B 237 7.59 2.29 26.96
CA LYS B 237 7.02 3.67 26.99
C LYS B 237 7.20 4.36 25.62
N ARG B 238 8.15 3.91 24.79
CA ARG B 238 8.43 4.49 23.45
C ARG B 238 7.34 4.07 22.44
N VAL B 239 6.59 3.02 22.74
CA VAL B 239 5.51 2.49 21.85
C VAL B 239 4.26 3.35 22.05
N GLY B 240 3.75 3.93 20.95
CA GLY B 240 2.63 4.89 20.95
C GLY B 240 1.59 4.55 19.89
N GLY B 241 0.70 5.50 19.64
CA GLY B 241 -0.46 5.35 18.73
C GLY B 241 -0.06 5.14 17.29
N VAL B 242 1.13 5.59 16.87
CA VAL B 242 1.60 5.44 15.45
C VAL B 242 2.68 4.37 15.35
N SER B 243 2.86 3.54 16.40
CA SER B 243 3.88 2.48 16.43
C SER B 243 3.35 1.23 15.72
N THR B 244 4.20 0.63 14.89
CA THR B 244 3.95 -0.68 14.25
C THR B 244 5.13 -1.57 14.61
N PHE B 245 4.88 -2.87 14.81
CA PHE B 245 5.93 -3.88 15.01
C PHE B 245 6.13 -4.70 13.74
N TYR B 246 7.39 -4.90 13.38
CA TYR B 246 7.85 -5.85 12.34
C TYR B 246 8.68 -6.91 13.04
N ILE B 247 8.28 -8.18 12.89
CA ILE B 247 9.05 -9.33 13.44
C ILE B 247 9.58 -10.13 12.27
N PRO B 248 10.91 -10.17 12.08
CA PRO B 248 11.51 -10.92 10.97
C PRO B 248 11.40 -12.42 11.18
N PRO B 249 11.54 -13.20 10.09
CA PRO B 249 11.64 -14.66 10.20
C PRO B 249 12.78 -15.10 11.12
N LYS B 250 12.58 -16.26 11.76
CA LYS B 250 13.52 -16.88 12.71
C LYS B 250 14.32 -17.96 11.97
N ALA B 251 13.75 -18.54 10.91
CA ALA B 251 14.37 -19.63 10.13
C ALA B 251 13.91 -19.58 8.67
N ARG B 252 14.56 -20.37 7.82
CA ARG B 252 14.23 -20.46 6.37
C ARG B 252 13.56 -21.82 6.14
N LYS B 253 12.48 -21.82 5.35
CA LYS B 253 11.66 -23.03 5.10
C LYS B 253 12.28 -23.83 3.95
N ALA B 254 12.36 -25.15 4.10
CA ALA B 254 12.85 -26.08 3.06
C ALA B 254 11.77 -26.26 1.97
N SER B 255 12.26 -26.60 0.75
CA SER B 255 11.43 -26.92 -0.43
C SER B 255 10.74 -28.28 -0.27
N ASN B 256 9.49 -28.36 -0.74
CA ASN B 256 8.64 -29.57 -0.84
C ASN B 256 9.04 -30.36 -2.10
N LEU B 257 9.66 -31.53 -1.94
CA LEU B 257 10.22 -32.30 -3.09
C LEU B 257 9.12 -32.65 -4.09
N ASP B 258 7.89 -32.95 -3.62
CA ASP B 258 6.72 -33.24 -4.50
C ASP B 258 6.49 -32.03 -5.44
N ILE B 259 6.50 -30.80 -4.92
CA ILE B 259 6.20 -29.59 -5.75
C ILE B 259 7.39 -29.32 -6.69
N ILE B 260 8.62 -29.44 -6.20
CA ILE B 260 9.86 -29.41 -7.02
C ILE B 260 9.69 -30.33 -8.24
N ARG B 261 9.17 -31.55 -8.04
CA ARG B 261 8.95 -32.53 -9.14
C ARG B 261 7.81 -32.04 -10.05
N ARG B 262 6.69 -31.64 -9.47
CA ARG B 262 5.48 -31.27 -10.26
C ARG B 262 5.74 -29.97 -11.04
N LEU B 263 6.64 -29.10 -10.56
CA LEU B 263 7.00 -27.81 -11.23
C LEU B 263 8.29 -27.99 -12.06
N GLU B 264 8.82 -29.21 -12.16
CA GLU B 264 9.94 -29.62 -13.05
C GLU B 264 11.17 -28.72 -12.81
N LEU B 265 11.43 -28.35 -11.56
CA LEU B 265 12.70 -27.71 -11.12
C LEU B 265 13.71 -28.84 -10.93
N LEU B 266 13.73 -29.76 -11.89
CA LEU B 266 13.88 -31.23 -11.66
C LEU B 266 15.28 -31.56 -11.16
N PRO B 267 16.38 -31.17 -11.86
CA PRO B 267 17.72 -31.53 -11.39
C PRO B 267 17.85 -31.05 -9.93
N ALA B 268 17.52 -31.93 -8.98
CA ALA B 268 17.30 -31.61 -7.55
C ALA B 268 18.59 -31.04 -6.95
N GLY B 269 19.75 -31.62 -7.31
CA GLY B 269 21.09 -31.15 -6.89
C GLY B 269 21.31 -29.68 -7.21
N GLN B 270 20.65 -29.16 -8.26
CA GLN B 270 20.82 -27.76 -8.75
C GLN B 270 19.96 -26.79 -7.91
N VAL B 271 18.88 -27.26 -7.28
CA VAL B 271 18.02 -26.40 -6.39
C VAL B 271 18.92 -25.82 -5.30
N PRO B 272 18.95 -24.48 -5.09
CA PRO B 272 19.75 -23.90 -4.02
C PRO B 272 19.38 -24.46 -2.64
N ASP B 273 20.38 -24.66 -1.78
CA ASP B 273 20.24 -24.85 -0.31
C ASP B 273 19.17 -23.87 0.18
N LYS B 274 18.29 -24.29 1.08
CA LYS B 274 17.23 -23.41 1.64
C LYS B 274 17.86 -22.16 2.26
N LYS B 275 19.16 -22.20 2.61
CA LYS B 275 19.92 -21.07 3.24
C LYS B 275 20.39 -20.06 2.17
N ALA B 276 20.41 -20.45 0.90
CA ALA B 276 20.90 -19.62 -0.23
C ALA B 276 19.92 -18.46 -0.49
N ARG B 277 20.44 -17.25 -0.61
CA ARG B 277 19.59 -16.04 -0.76
C ARG B 277 19.97 -15.29 -2.04
N ILE B 278 18.98 -14.66 -2.65
CA ILE B 278 19.15 -13.61 -3.69
C ILE B 278 19.57 -12.33 -2.97
N TYR B 279 20.62 -11.67 -3.45
CA TYR B 279 21.07 -10.37 -2.86
C TYR B 279 19.96 -9.35 -3.07
N PRO B 280 19.60 -8.51 -2.08
CA PRO B 280 20.19 -8.56 -0.73
C PRO B 280 19.37 -9.40 0.25
N ALA B 281 20.01 -9.80 1.34
CA ALA B 281 19.39 -10.51 2.48
C ALA B 281 18.62 -9.50 3.34
N ASN B 282 17.60 -9.99 4.04
CA ASN B 282 16.82 -9.21 5.03
C ASN B 282 17.77 -8.88 6.19
N GLN B 283 18.14 -7.60 6.36
CA GLN B 283 19.13 -7.15 7.38
C GLN B 283 18.59 -7.31 8.80
N TRP B 284 17.28 -7.50 8.99
CA TRP B 284 16.65 -7.52 10.34
C TRP B 284 16.71 -8.95 10.92
N GLU B 285 16.92 -9.96 10.06
CA GLU B 285 16.94 -11.38 10.49
C GLU B 285 18.12 -11.57 11.45
N PRO B 286 17.94 -12.38 12.51
CA PRO B 286 19.05 -12.76 13.38
C PRO B 286 19.95 -13.72 12.60
N ASP B 287 21.27 -13.56 12.73
CA ASP B 287 22.30 -14.42 12.11
C ASP B 287 22.20 -14.30 10.58
N VAL B 288 21.92 -13.09 10.06
CA VAL B 288 21.83 -12.78 8.61
C VAL B 288 23.19 -13.06 7.98
N PRO B 289 23.33 -14.10 7.11
CA PRO B 289 24.60 -14.36 6.44
C PRO B 289 24.83 -13.27 5.37
N GLU B 290 26.07 -12.78 5.22
CA GLU B 290 26.44 -11.77 4.20
C GLU B 290 26.31 -12.41 2.82
N VAL B 291 25.61 -11.74 1.90
CA VAL B 291 25.32 -12.26 0.54
C VAL B 291 26.12 -11.43 -0.48
N GLU B 292 26.80 -12.11 -1.39
CA GLU B 292 27.65 -11.48 -2.43
C GLU B 292 26.76 -10.79 -3.47
N PRO B 293 26.83 -9.45 -3.64
CA PRO B 293 26.08 -8.76 -4.68
C PRO B 293 26.61 -9.01 -6.10
N TYR B 294 27.91 -9.31 -6.26
CA TYR B 294 28.51 -9.51 -7.59
C TYR B 294 29.10 -10.92 -7.71
N ARG B 295 28.21 -11.92 -7.81
CA ARG B 295 28.60 -13.33 -8.12
C ARG B 295 29.01 -13.40 -9.58
N PRO B 296 29.72 -14.46 -10.02
CA PRO B 296 30.08 -14.61 -11.43
C PRO B 296 28.88 -14.46 -12.40
N SER B 297 27.71 -14.96 -12.03
CA SER B 297 26.48 -14.82 -12.86
C SER B 297 26.12 -13.33 -13.02
N ASP B 298 26.26 -12.53 -11.95
CA ASP B 298 25.97 -11.06 -11.96
C ASP B 298 26.97 -10.37 -12.89
N GLN B 299 28.26 -10.66 -12.75
CA GLN B 299 29.34 -10.05 -13.56
C GLN B 299 29.10 -10.37 -15.06
N ALA B 300 28.76 -11.61 -15.40
CA ALA B 300 28.48 -12.01 -16.80
C ALA B 300 27.25 -11.25 -17.35
N ALA B 301 26.18 -11.10 -16.56
CA ALA B 301 24.98 -10.34 -17.00
C ALA B 301 25.38 -8.88 -17.27
N ILE B 302 26.19 -8.28 -16.39
CA ILE B 302 26.63 -6.86 -16.53
C ILE B 302 27.53 -6.72 -17.77
N ALA B 303 28.41 -7.70 -18.02
CA ALA B 303 29.29 -7.74 -19.21
C ALA B 303 28.44 -7.69 -20.50
N GLN B 304 27.22 -8.24 -20.48
CA GLN B 304 26.34 -8.30 -21.69
C GLN B 304 25.76 -6.91 -22.01
N LEU B 305 25.79 -5.94 -21.09
CA LEU B 305 25.19 -4.59 -21.29
C LEU B 305 25.87 -3.86 -22.46
N ALA B 306 27.17 -4.07 -22.67
CA ALA B 306 27.95 -3.32 -23.69
C ALA B 306 27.35 -3.51 -25.09
N ASP B 307 26.97 -4.75 -25.43
CA ASP B 307 26.47 -5.11 -26.78
C ASP B 307 24.93 -5.21 -26.79
N HIS B 308 24.25 -4.67 -25.77
CA HIS B 308 22.78 -4.84 -25.64
C HIS B 308 22.07 -3.97 -26.68
N ALA B 309 21.02 -4.54 -27.29
CA ALA B 309 20.05 -3.82 -28.15
C ALA B 309 18.65 -4.25 -27.72
N PRO B 310 17.64 -3.37 -27.85
CA PRO B 310 16.26 -3.76 -27.57
C PRO B 310 15.94 -5.05 -28.33
N PRO B 311 15.33 -6.07 -27.70
CA PRO B 311 14.90 -7.26 -28.44
C PRO B 311 13.89 -6.86 -29.54
N GLU B 312 13.78 -7.68 -30.58
CA GLU B 312 12.95 -7.30 -31.76
C GLU B 312 11.48 -7.17 -31.32
N GLN B 313 11.04 -7.89 -30.29
CA GLN B 313 9.63 -7.92 -29.79
C GLN B 313 9.34 -6.76 -28.82
N TYR B 314 10.34 -5.93 -28.50
CA TYR B 314 10.18 -4.75 -27.62
C TYR B 314 9.32 -3.72 -28.36
N GLN B 315 8.43 -3.04 -27.65
CA GLN B 315 7.45 -2.09 -28.24
C GLN B 315 7.78 -0.68 -27.80
N PRO B 316 8.46 0.14 -28.63
CA PRO B 316 8.77 1.51 -28.23
C PRO B 316 7.48 2.34 -28.17
N LEU B 317 7.41 3.25 -27.21
CA LEU B 317 6.35 4.26 -27.12
C LEU B 317 6.38 5.08 -28.41
N ALA B 318 5.23 5.30 -29.01
CA ALA B 318 5.07 6.14 -30.21
C ALA B 318 3.69 6.78 -30.11
N THR B 319 3.60 7.86 -29.36
CA THR B 319 2.31 8.53 -29.08
C THR B 319 2.43 9.99 -29.52
N SER B 320 1.46 10.80 -29.14
CA SER B 320 1.34 12.22 -29.51
C SER B 320 1.04 13.00 -28.24
N LYS B 321 1.32 14.30 -28.24
CA LYS B 321 0.94 15.23 -27.16
C LYS B 321 -0.57 15.12 -26.93
N ALA B 322 -1.36 15.10 -28.00
CA ALA B 322 -2.84 15.09 -27.91
C ALA B 322 -3.30 13.85 -27.15
N MET B 323 -2.70 12.68 -27.43
CA MET B 323 -3.15 11.39 -26.82
C MET B 323 -2.67 11.32 -25.38
N SER B 324 -1.40 11.66 -25.13
N SER B 324 -1.41 11.66 -25.09
CA SER B 324 -0.83 11.71 -23.76
CA SER B 324 -0.85 11.68 -23.71
C SER B 324 -1.67 12.67 -22.91
C SER B 324 -1.66 12.69 -22.88
N ASP B 325 -2.02 13.84 -23.47
CA ASP B 325 -2.85 14.88 -22.78
C ASP B 325 -4.20 14.29 -22.36
N VAL B 326 -4.91 13.60 -23.26
CA VAL B 326 -6.28 13.13 -22.95
C VAL B 326 -6.18 11.99 -21.92
N MET B 327 -5.21 11.08 -22.05
CA MET B 327 -5.06 9.94 -21.10
C MET B 327 -4.71 10.52 -19.71
N THR B 328 -3.89 11.57 -19.65
CA THR B 328 -3.59 12.31 -18.40
C THR B 328 -4.88 12.93 -17.86
N LYS B 329 -5.68 13.60 -18.71
CA LYS B 329 -6.95 14.25 -18.29
C LYS B 329 -7.91 13.20 -17.72
N LEU B 330 -8.02 12.03 -18.34
CA LEU B 330 -8.93 10.95 -17.84
C LEU B 330 -8.49 10.47 -16.45
N ALA B 331 -7.19 10.46 -16.17
CA ALA B 331 -6.65 10.05 -14.85
C ALA B 331 -6.80 11.18 -13.81
N LEU B 332 -6.69 12.46 -14.19
CA LEU B 332 -6.54 13.59 -13.22
C LEU B 332 -7.79 14.47 -13.17
N ASP B 333 -8.81 14.20 -13.98
CA ASP B 333 -10.05 15.02 -14.05
C ASP B 333 -11.26 14.10 -13.97
N PRO B 334 -11.76 13.84 -12.74
CA PRO B 334 -12.89 12.92 -12.52
C PRO B 334 -14.15 13.29 -13.31
N LYS B 335 -14.36 14.58 -13.58
CA LYS B 335 -15.53 15.08 -14.36
C LYS B 335 -15.35 14.71 -15.83
N ALA B 336 -14.14 14.89 -16.38
CA ALA B 336 -13.78 14.45 -17.75
C ALA B 336 -13.93 12.93 -17.83
N LEU B 337 -13.46 12.18 -16.83
CA LEU B 337 -13.60 10.69 -16.79
C LEU B 337 -15.10 10.33 -16.84
N ALA B 338 -15.94 10.94 -16.00
CA ALA B 338 -17.39 10.64 -15.92
C ALA B 338 -18.03 10.89 -17.30
N ASP B 339 -17.69 12.00 -17.95
CA ASP B 339 -18.18 12.35 -19.31
C ASP B 339 -17.76 11.27 -20.30
N TYR B 340 -16.49 10.84 -20.26
CA TYR B 340 -15.95 9.81 -21.18
C TYR B 340 -16.70 8.49 -20.94
N LYS B 341 -16.90 8.11 -19.68
CA LYS B 341 -17.56 6.82 -19.31
C LYS B 341 -19.03 6.88 -19.74
N ALA B 342 -19.64 8.06 -19.74
CA ALA B 342 -21.06 8.27 -20.11
C ALA B 342 -21.25 8.09 -21.62
N ASP B 343 -20.28 8.53 -22.43
CA ASP B 343 -20.39 8.52 -23.92
C ASP B 343 -19.01 8.57 -24.59
N HIS B 344 -18.39 7.39 -24.73
CA HIS B 344 -17.03 7.23 -25.32
C HIS B 344 -16.94 8.08 -26.60
N ARG B 345 -17.94 7.97 -27.47
CA ARG B 345 -17.95 8.50 -28.86
C ARG B 345 -17.98 10.03 -28.84
N ALA B 346 -19.01 10.62 -28.23
CA ALA B 346 -19.16 12.09 -28.07
C ALA B 346 -17.88 12.66 -27.47
N PHE B 347 -17.38 12.06 -26.38
CA PHE B 347 -16.15 12.53 -25.71
C PHE B 347 -14.99 12.47 -26.71
N ALA B 348 -14.76 11.31 -27.32
CA ALA B 348 -13.61 11.06 -28.24
C ALA B 348 -13.63 12.06 -29.40
N GLN B 349 -14.82 12.36 -29.93
CA GLN B 349 -14.99 13.20 -31.15
C GLN B 349 -14.79 14.69 -30.82
N SER B 350 -14.79 15.09 -29.54
CA SER B 350 -14.61 16.50 -29.11
C SER B 350 -13.17 16.76 -28.64
N VAL B 351 -12.31 15.73 -28.57
CA VAL B 351 -10.88 15.91 -28.16
C VAL B 351 -10.12 16.50 -29.34
N PRO B 352 -9.47 17.68 -29.17
CA PRO B 352 -8.74 18.30 -30.26
C PRO B 352 -7.42 17.56 -30.55
N ASP B 353 -7.10 17.43 -31.83
CA ASP B 353 -5.75 17.11 -32.37
C ASP B 353 -5.46 15.61 -32.31
N LEU B 354 -6.41 14.77 -31.94
CA LEU B 354 -6.22 13.29 -31.98
C LEU B 354 -6.08 12.87 -33.44
N THR B 355 -5.19 11.91 -33.73
CA THR B 355 -5.13 11.19 -35.03
C THR B 355 -6.38 10.34 -35.16
N PRO B 356 -6.79 9.94 -36.38
CA PRO B 356 -7.92 9.03 -36.56
C PRO B 356 -7.80 7.75 -35.71
N GLN B 357 -6.60 7.20 -35.58
CA GLN B 357 -6.36 5.96 -34.80
C GLN B 357 -6.63 6.25 -33.32
N GLU B 358 -6.15 7.40 -32.85
CA GLU B 358 -6.29 7.81 -31.43
C GLU B 358 -7.78 7.96 -31.10
N ARG B 359 -8.52 8.66 -31.97
CA ARG B 359 -9.99 8.87 -31.86
C ARG B 359 -10.69 7.51 -31.80
N ALA B 360 -10.41 6.62 -32.76
CA ALA B 360 -11.03 5.28 -32.85
C ALA B 360 -10.77 4.50 -31.55
N ALA B 361 -9.52 4.52 -31.06
CA ALA B 361 -9.09 3.79 -29.85
C ALA B 361 -9.91 4.27 -28.63
N LEU B 362 -10.11 5.57 -28.49
CA LEU B 362 -10.90 6.15 -27.36
C LEU B 362 -12.37 5.78 -27.52
N GLU B 363 -12.88 5.79 -28.74
CA GLU B 363 -14.31 5.45 -29.03
C GLU B 363 -14.58 4.05 -28.49
N LEU B 364 -13.66 3.11 -28.74
CA LEU B 364 -13.81 1.69 -28.33
C LEU B 364 -13.59 1.57 -26.82
N GLY B 365 -12.51 2.17 -26.32
CA GLY B 365 -12.11 2.10 -24.90
C GLY B 365 -11.27 0.87 -24.59
N ASP B 366 -11.15 -0.08 -25.53
CA ASP B 366 -10.39 -1.35 -25.32
C ASP B 366 -8.92 -1.02 -25.06
N SER B 367 -8.34 -1.71 -24.07
CA SER B 367 -6.88 -1.70 -23.75
C SER B 367 -6.05 -1.85 -25.02
N TRP B 368 -6.37 -2.83 -25.86
CA TRP B 368 -5.52 -3.19 -27.02
C TRP B 368 -5.46 -2.01 -27.99
N ALA B 369 -6.61 -1.41 -28.27
CA ALA B 369 -6.71 -0.29 -29.24
C ALA B 369 -5.84 0.86 -28.73
N ILE B 370 -5.93 1.17 -27.45
CA ILE B 370 -5.17 2.29 -26.83
C ILE B 370 -3.68 1.95 -26.85
N ARG B 371 -3.29 0.72 -26.54
CA ARG B 371 -1.87 0.26 -26.61
C ARG B 371 -1.34 0.38 -28.04
N CYS B 372 -2.06 -0.05 -29.07
CA CYS B 372 -1.56 0.05 -30.47
C CYS B 372 -1.41 1.50 -30.89
N ALA B 373 -2.29 2.35 -30.36
CA ALA B 373 -2.32 3.78 -30.70
C ALA B 373 -1.07 4.45 -30.13
N MET B 374 -0.53 3.93 -29.02
CA MET B 374 0.50 4.61 -28.18
C MET B 374 1.86 3.89 -28.25
N LYS B 375 1.90 2.65 -28.74
CA LYS B 375 3.13 1.82 -28.84
C LYS B 375 3.28 1.27 -30.27
N ASN B 376 4.50 1.28 -30.82
CA ASN B 376 4.81 0.58 -32.10
C ASN B 376 4.93 -0.91 -31.79
N MET B 377 3.98 -1.72 -32.24
CA MET B 377 3.98 -3.20 -32.10
C MET B 377 4.73 -3.80 -33.29
N PRO B 378 5.92 -4.42 -33.08
CA PRO B 378 6.69 -5.01 -34.18
C PRO B 378 6.04 -6.29 -34.74
N SER B 379 6.28 -6.60 -36.02
CA SER B 379 5.69 -7.79 -36.71
C SER B 379 6.10 -9.06 -35.97
N SER B 380 7.33 -9.08 -35.45
CA SER B 380 7.91 -10.18 -34.63
C SER B 380 6.99 -10.52 -33.45
N LEU B 381 6.42 -9.50 -32.78
CA LEU B 381 5.59 -9.68 -31.56
C LEU B 381 4.24 -10.34 -31.89
N LEU B 382 3.55 -9.85 -32.92
CA LEU B 382 2.18 -10.31 -33.28
C LEU B 382 2.24 -11.71 -33.91
N ASP B 383 3.44 -12.14 -34.35
CA ASP B 383 3.77 -13.48 -34.90
C ASP B 383 3.42 -13.51 -36.39
N PRO B 398 -2.32 -9.05 -23.74
CA PRO B 398 -1.81 -9.50 -22.43
C PRO B 398 -0.74 -8.53 -21.91
N TRP B 399 -0.85 -8.09 -20.66
CA TRP B 399 0.12 -7.18 -20.00
C TRP B 399 1.22 -8.00 -19.35
N ILE B 401 4.60 -7.87 -16.97
CA ILE B 401 5.57 -7.08 -16.21
C ILE B 401 5.99 -7.79 -14.94
N GLY B 404 9.73 -9.81 -10.10
CA GLY B 404 10.09 -10.66 -8.98
C GLY B 404 10.28 -12.08 -9.46
N VAL B 405 11.32 -12.76 -8.98
CA VAL B 405 11.48 -14.22 -9.14
C VAL B 405 12.02 -14.73 -7.81
N ILE B 406 11.48 -15.83 -7.31
CA ILE B 406 11.95 -16.44 -6.03
C ILE B 406 13.22 -17.24 -6.33
N GLY B 407 14.02 -17.51 -5.29
CA GLY B 407 15.41 -17.98 -5.39
C GLY B 407 15.54 -19.30 -6.13
N VAL B 408 14.80 -20.33 -5.70
CA VAL B 408 14.91 -21.73 -6.23
C VAL B 408 14.55 -21.75 -7.72
N ILE B 409 13.50 -21.03 -8.12
CA ILE B 409 13.08 -20.87 -9.55
C ILE B 409 14.21 -20.16 -10.31
N GLY B 410 14.56 -18.94 -9.91
CA GLY B 410 15.56 -18.07 -10.57
C GLY B 410 16.89 -18.78 -10.79
N SER B 411 17.45 -19.40 -9.75
CA SER B 411 18.68 -20.24 -9.80
C SER B 411 18.32 -21.67 -10.25
#